data_4OG2
#
_entry.id   4OG2
#
_cell.length_a   98.326
_cell.length_b   101.124
_cell.length_c   149.967
_cell.angle_alpha   90.00
_cell.angle_beta   90.00
_cell.angle_gamma   90.00
#
_symmetry.space_group_name_H-M   'C 2 2 21'
#
loop_
_entity.id
_entity.type
_entity.pdbx_description
1 polymer 'Amino acid/amide ABC transporter substrate-binding protein, HAAT family'
2 non-polymer LEUCINE
3 non-polymer 'MAGNESIUM ION'
4 non-polymer 'CHLORIDE ION'
5 water water
#
_entity_poly.entity_id   1
_entity_poly.type   'polypeptide(L)'
_entity_poly.pdbx_seq_one_letter_code
;SNATNTDTNSTNNSPNNTTNTTTNVTTTSDKNTIPIGIALAQTSNVALLGQEQVAGAKIAEKYFNDKGGVNGTPIKLIFQ
DTAGDEAGTINAFQTLINKDKVVGIVGPTLSQQAFSANPIAERAKVPVVGPSNTAKGIPEIGDYVARVSAPVSVVAPNSV
KAALKQNPNIKKVAVFFAQNDAFSKSETEIFQQTVKDQGLELVTVQKFQTTDTDFQSQATNAINLKPDLVIISGLAADGG
NLVRQLRELGYQGAIIGGDGLNTSNVFAVCKALCDGVLIAQAYSPEYTGEINKAFRQAYVDQYKKEPPQFSAQAFAAVQV
YVESLKALDTKNKVSKIQLPELRTELNKQLLTGKYNTPLGEISFTPIGEVVQKDFYVAQIK(MSE)EKDGSQGKFTFLK
;
_entity_poly.pdbx_strand_id   A,B
#
loop_
_chem_comp.id
_chem_comp.type
_chem_comp.name
_chem_comp.formula
CL non-polymer 'CHLORIDE ION' 'Cl -1'
MG non-polymer 'MAGNESIUM ION' 'Mg 2'
#
# COMPACT_ATOMS: atom_id res chain seq x y z
N ASN A 32 -25.15 29.62 0.45
CA ASN A 32 -24.88 28.21 0.20
C ASN A 32 -23.66 27.99 -0.69
N THR A 33 -22.82 27.05 -0.28
CA THR A 33 -21.59 26.76 -1.01
C THR A 33 -21.40 25.25 -1.09
N ILE A 34 -20.51 24.82 -1.99
CA ILE A 34 -20.20 23.41 -2.14
C ILE A 34 -18.84 23.12 -1.51
N PRO A 35 -18.80 22.26 -0.47
CA PRO A 35 -17.56 22.04 0.26
C PRO A 35 -16.66 21.01 -0.41
N ILE A 36 -15.40 21.40 -0.64
CA ILE A 36 -14.37 20.53 -1.19
C ILE A 36 -13.25 20.45 -0.16
N GLY A 37 -12.88 19.24 0.23
CA GLY A 37 -11.86 19.08 1.25
C GLY A 37 -10.45 19.16 0.69
N ILE A 38 -9.58 19.85 1.42
CA ILE A 38 -8.17 19.93 1.08
C ILE A 38 -7.41 19.34 2.27
N ALA A 39 -6.78 18.18 2.04
CA ALA A 39 -6.06 17.46 3.07
C ALA A 39 -4.60 17.39 2.67
N LEU A 40 -3.81 18.35 3.17
CA LEU A 40 -2.42 18.49 2.78
C LEU A 40 -1.59 18.70 4.04
N ALA A 41 -0.28 18.51 3.90
CA ALA A 41 0.63 18.74 5.02
C ALA A 41 0.85 20.24 5.21
N GLN A 42 0.15 20.80 6.20
CA GLN A 42 0.32 22.21 6.53
C GLN A 42 1.26 22.42 7.71
N THR A 43 1.59 21.33 8.41
CA THR A 43 2.57 21.32 9.48
C THR A 43 3.47 20.11 9.27
N SER A 44 4.54 20.05 10.07
CA SER A 44 5.64 19.08 9.96
C SER A 44 6.61 19.46 8.84
N ASN A 45 7.74 18.75 8.76
CA ASN A 45 8.65 18.96 7.62
C ASN A 45 8.02 18.63 6.27
N VAL A 46 6.94 17.85 6.27
CA VAL A 46 6.26 17.55 5.02
C VAL A 46 5.62 18.84 4.46
N ALA A 47 5.37 19.81 5.33
CA ALA A 47 4.82 21.09 4.89
C ALA A 47 5.79 21.90 4.03
N LEU A 48 7.07 21.53 4.02
CA LEU A 48 8.01 22.15 3.08
C LEU A 48 7.59 21.89 1.64
N LEU A 49 6.81 20.83 1.44
CA LEU A 49 6.21 20.51 0.16
C LEU A 49 4.74 20.96 0.15
N GLY A 50 4.02 20.68 1.23
CA GLY A 50 2.60 20.97 1.30
C GLY A 50 2.23 22.43 1.18
N GLN A 51 3.06 23.33 1.68
CA GLN A 51 2.75 24.76 1.64
CA GLN A 51 2.67 24.73 1.63
C GLN A 51 2.55 25.27 0.20
N GLU A 52 3.36 24.76 -0.73
CA GLU A 52 3.20 25.16 -2.13
C GLU A 52 1.88 24.70 -2.69
N GLN A 53 1.43 23.54 -2.21
CA GLN A 53 0.17 22.99 -2.65
C GLN A 53 -0.99 23.82 -2.13
N VAL A 54 -0.91 24.22 -0.86
CA VAL A 54 -1.91 25.09 -0.27
C VAL A 54 -2.00 26.38 -1.08
N ALA A 55 -0.86 26.95 -1.44
CA ALA A 55 -0.85 28.20 -2.21
C ALA A 55 -1.60 28.03 -3.54
N GLY A 56 -1.33 26.93 -4.25
CA GLY A 56 -2.01 26.66 -5.50
C GLY A 56 -3.51 26.47 -5.33
N ALA A 57 -3.90 25.76 -4.28
CA ALA A 57 -5.32 25.53 -4.01
C ALA A 57 -6.05 26.84 -3.73
N LYS A 58 -5.42 27.74 -2.99
CA LYS A 58 -6.05 29.03 -2.68
C LYS A 58 -6.19 29.90 -3.93
N ILE A 59 -5.19 29.86 -4.80
CA ILE A 59 -5.28 30.59 -6.07
C ILE A 59 -6.44 30.03 -6.90
N ALA A 60 -6.59 28.70 -6.91
CA ALA A 60 -7.70 28.10 -7.62
C ALA A 60 -9.05 28.52 -7.05
N GLU A 61 -9.19 28.53 -5.73
CA GLU A 61 -10.46 28.89 -5.12
C GLU A 61 -10.91 30.27 -5.60
N LYS A 62 -10.00 31.24 -5.57
CA LYS A 62 -10.33 32.58 -6.04
C LYS A 62 -10.62 32.60 -7.54
N TYR A 63 -9.78 31.95 -8.33
CA TYR A 63 -9.96 31.92 -9.78
C TYR A 63 -11.33 31.38 -10.14
N PHE A 64 -11.71 30.25 -9.54
CA PHE A 64 -12.97 29.61 -9.90
C PHE A 64 -14.19 30.32 -9.29
N ASN A 65 -14.05 30.81 -8.07
CA ASN A 65 -15.18 31.55 -7.50
C ASN A 65 -15.43 32.89 -8.19
N ASP A 66 -14.37 33.54 -8.65
CA ASP A 66 -14.52 34.78 -9.42
C ASP A 66 -15.24 34.53 -10.75
N LYS A 67 -15.22 33.29 -11.21
CA LYS A 67 -15.94 32.88 -12.42
C LYS A 67 -17.31 32.29 -12.11
N GLY A 68 -17.75 32.44 -10.86
CA GLY A 68 -19.08 32.02 -10.46
C GLY A 68 -19.16 30.64 -9.84
N GLY A 69 -18.02 30.04 -9.51
CA GLY A 69 -18.04 28.75 -8.86
C GLY A 69 -18.66 27.67 -9.74
N VAL A 70 -19.62 26.94 -9.19
CA VAL A 70 -20.31 25.89 -9.91
C VAL A 70 -21.66 26.43 -10.37
N ASN A 71 -21.69 26.96 -11.60
CA ASN A 71 -22.91 27.51 -12.17
C ASN A 71 -23.59 28.52 -11.25
N GLY A 72 -22.77 29.33 -10.58
CA GLY A 72 -23.28 30.37 -9.69
C GLY A 72 -23.12 30.07 -8.22
N THR A 73 -22.98 28.80 -7.87
CA THR A 73 -22.81 28.42 -6.47
C THR A 73 -21.31 28.39 -6.13
N PRO A 74 -20.87 29.22 -5.17
CA PRO A 74 -19.44 29.21 -4.85
C PRO A 74 -18.99 27.86 -4.28
N ILE A 75 -17.74 27.50 -4.53
CA ILE A 75 -17.12 26.43 -3.77
C ILE A 75 -16.56 27.00 -2.49
N LYS A 76 -16.35 26.12 -1.52
CA LYS A 76 -15.66 26.47 -0.29
CA LYS A 76 -15.66 26.48 -0.30
C LYS A 76 -14.64 25.40 -0.01
N LEU A 77 -13.37 25.77 -0.06
CA LEU A 77 -12.31 24.83 0.29
C LEU A 77 -12.23 24.73 1.79
N ILE A 78 -12.28 23.51 2.29
CA ILE A 78 -12.17 23.23 3.71
C ILE A 78 -10.85 22.53 3.93
N PHE A 79 -9.93 23.20 4.62
CA PHE A 79 -8.61 22.68 4.87
C PHE A 79 -8.55 21.90 6.18
N GLN A 80 -8.06 20.67 6.11
CA GLN A 80 -7.75 19.89 7.31
C GLN A 80 -6.32 19.40 7.18
N ASP A 81 -5.46 19.91 8.04
CA ASP A 81 -4.05 19.54 8.06
C ASP A 81 -3.87 18.05 8.32
N THR A 82 -3.05 17.40 7.51
CA THR A 82 -2.71 15.99 7.71
C THR A 82 -1.52 15.77 8.64
N ALA A 83 -0.75 16.84 8.87
CA ALA A 83 0.58 16.72 9.44
C ALA A 83 1.41 15.76 8.57
N GLY A 84 2.41 15.12 9.16
CA GLY A 84 3.40 14.42 8.35
C GLY A 84 3.34 12.91 8.30
N ASP A 85 2.33 12.31 8.94
CA ASP A 85 2.27 10.86 9.03
C ASP A 85 0.95 10.29 8.52
N GLU A 86 0.80 8.98 8.66
CA GLU A 86 -0.39 8.29 8.16
C GLU A 86 -1.59 8.57 9.06
N ALA A 87 -1.40 8.45 10.37
CA ALA A 87 -2.49 8.67 11.31
C ALA A 87 -3.13 10.05 11.13
N GLY A 88 -2.29 11.07 10.93
CA GLY A 88 -2.79 12.42 10.75
C GLY A 88 -3.59 12.56 9.47
N THR A 89 -3.21 11.82 8.44
CA THR A 89 -3.92 11.85 7.17
C THR A 89 -5.28 11.15 7.27
N ILE A 90 -5.28 9.98 7.92
CA ILE A 90 -6.52 9.26 8.18
C ILE A 90 -7.49 10.15 8.98
N ASN A 91 -6.98 10.82 10.02
CA ASN A 91 -7.82 11.71 10.81
CA ASN A 91 -7.81 11.71 10.81
C ASN A 91 -8.37 12.86 9.99
N ALA A 92 -7.52 13.47 9.16
CA ALA A 92 -7.96 14.56 8.31
C ALA A 92 -9.06 14.12 7.34
N PHE A 93 -8.84 12.97 6.70
CA PHE A 93 -9.84 12.45 5.77
C PHE A 93 -11.16 12.17 6.48
N GLN A 94 -11.10 11.53 7.64
CA GLN A 94 -12.32 11.19 8.38
C GLN A 94 -13.08 12.44 8.81
N THR A 95 -12.34 13.46 9.26
CA THR A 95 -12.96 14.72 9.63
C THR A 95 -13.64 15.38 8.42
N LEU A 96 -12.93 15.43 7.30
CA LEU A 96 -13.50 16.03 6.10
C LEU A 96 -14.75 15.30 5.63
N ILE A 97 -14.73 13.97 5.69
CA ILE A 97 -15.85 13.15 5.23
C ILE A 97 -17.05 13.24 6.16
N ASN A 98 -16.79 13.15 7.45
CA ASN A 98 -17.86 12.99 8.44
C ASN A 98 -18.37 14.27 9.08
N LYS A 99 -17.46 15.18 9.40
CA LYS A 99 -17.83 16.46 10.01
C LYS A 99 -18.07 17.53 8.95
N ASP A 100 -17.15 17.66 8.01
CA ASP A 100 -17.23 18.73 7.02
C ASP A 100 -18.08 18.38 5.81
N LYS A 101 -18.47 17.11 5.68
CA LYS A 101 -19.44 16.69 4.66
C LYS A 101 -18.98 17.06 3.24
N VAL A 102 -17.69 16.90 2.97
CA VAL A 102 -17.17 17.35 1.69
C VAL A 102 -17.62 16.45 0.55
N VAL A 103 -17.72 17.03 -0.64
CA VAL A 103 -18.11 16.26 -1.82
C VAL A 103 -16.95 15.44 -2.39
N GLY A 104 -15.72 15.83 -2.03
CA GLY A 104 -14.53 15.17 -2.52
C GLY A 104 -13.32 15.76 -1.82
N ILE A 105 -12.19 15.07 -1.93
CA ILE A 105 -10.95 15.47 -1.27
C ILE A 105 -9.85 15.69 -2.31
N VAL A 106 -9.07 16.76 -2.12
CA VAL A 106 -7.78 16.92 -2.78
C VAL A 106 -6.70 16.62 -1.75
N GLY A 107 -5.84 15.66 -2.05
CA GLY A 107 -4.76 15.29 -1.15
C GLY A 107 -4.47 13.80 -1.28
N PRO A 108 -3.60 13.28 -0.40
CA PRO A 108 -2.79 14.03 0.54
C PRO A 108 -1.49 14.47 -0.15
N THR A 109 -0.53 14.99 0.60
CA THR A 109 0.71 15.43 0.01
C THR A 109 1.59 14.26 -0.45
N LEU A 110 1.75 13.26 0.41
CA LEU A 110 2.71 12.17 0.14
C LEU A 110 2.04 10.88 -0.28
N SER A 111 2.66 10.15 -1.21
CA SER A 111 2.23 8.79 -1.50
C SER A 111 2.25 7.91 -0.26
N GLN A 112 3.24 8.09 0.61
CA GLN A 112 3.31 7.33 1.87
C GLN A 112 2.00 7.46 2.65
N GLN A 113 1.46 8.67 2.69
CA GLN A 113 0.19 8.91 3.38
C GLN A 113 -1.00 8.36 2.59
N ALA A 114 -0.98 8.53 1.28
CA ALA A 114 -2.07 8.08 0.41
C ALA A 114 -2.32 6.56 0.52
N PHE A 115 -1.26 5.76 0.57
CA PHE A 115 -1.47 4.31 0.58
C PHE A 115 -2.20 3.87 1.84
N SER A 116 -2.01 4.59 2.94
CA SER A 116 -2.70 4.26 4.17
CA SER A 116 -2.72 4.30 4.19
C SER A 116 -4.12 4.88 4.23
N ALA A 117 -4.24 6.14 3.86
CA ALA A 117 -5.48 6.89 4.03
C ALA A 117 -6.48 6.80 2.88
N ASN A 118 -6.00 6.74 1.65
CA ASN A 118 -6.93 6.70 0.54
C ASN A 118 -7.93 5.54 0.60
N PRO A 119 -7.52 4.35 1.11
CA PRO A 119 -8.52 3.29 1.25
C PRO A 119 -9.71 3.66 2.15
N ILE A 120 -9.51 4.58 3.09
CA ILE A 120 -10.63 5.10 3.91
C ILE A 120 -11.67 5.78 3.03
N ALA A 121 -11.20 6.65 2.14
CA ALA A 121 -12.10 7.34 1.23
C ALA A 121 -12.72 6.38 0.22
N GLU A 122 -11.93 5.43 -0.27
CA GLU A 122 -12.44 4.41 -1.17
C GLU A 122 -13.63 3.66 -0.55
N ARG A 123 -13.45 3.22 0.70
CA ARG A 123 -14.48 2.45 1.40
C ARG A 123 -15.73 3.32 1.62
N ALA A 124 -15.50 4.60 1.89
CA ALA A 124 -16.58 5.56 2.13
C ALA A 124 -17.23 6.08 0.86
N LYS A 125 -16.68 5.71 -0.30
CA LYS A 125 -17.17 6.19 -1.60
C LYS A 125 -17.14 7.73 -1.70
N VAL A 126 -15.96 8.27 -1.36
CA VAL A 126 -15.68 9.69 -1.45
C VAL A 126 -14.51 9.87 -2.41
N PRO A 127 -14.66 10.66 -3.48
CA PRO A 127 -13.53 10.80 -4.40
C PRO A 127 -12.34 11.50 -3.77
N VAL A 128 -11.16 11.05 -4.20
CA VAL A 128 -9.89 11.66 -3.85
C VAL A 128 -9.17 11.96 -5.16
N VAL A 129 -8.66 13.18 -5.29
CA VAL A 129 -7.80 13.55 -6.40
C VAL A 129 -6.45 13.94 -5.81
N GLY A 130 -5.42 13.14 -6.09
CA GLY A 130 -4.10 13.40 -5.57
C GLY A 130 -3.38 14.44 -6.41
N PRO A 131 -2.87 15.53 -5.81
N PRO A 131 -2.82 15.45 -5.74
CA PRO A 131 -2.24 16.52 -6.68
CA PRO A 131 -2.12 16.59 -6.35
C PRO A 131 -0.82 16.18 -7.15
C PRO A 131 -0.63 16.32 -6.51
N SER A 132 -0.04 15.52 -6.30
N SER A 132 -0.10 15.26 -5.92
CA SER A 132 1.39 15.39 -6.57
CA SER A 132 1.35 15.09 -5.86
C SER A 132 1.94 14.02 -6.20
C SER A 132 1.80 13.70 -5.50
N ASN A 133 1.07 13.09 -5.81
N ASN A 133 0.96 12.70 -5.77
CA ASN A 133 1.55 11.76 -5.43
CA ASN A 133 1.28 11.34 -5.37
C ASN A 133 1.83 10.88 -6.64
C ASN A 133 1.76 10.55 -6.57
N THR A 134 3.08 10.43 -6.71
CA THR A 134 3.63 9.90 -7.95
C THR A 134 4.18 8.48 -7.86
N ALA A 135 4.02 7.83 -6.71
CA ALA A 135 4.44 6.44 -6.56
C ALA A 135 3.61 5.52 -7.47
N LYS A 136 4.24 4.45 -7.90
CA LYS A 136 3.52 3.41 -8.61
C LYS A 136 2.38 2.87 -7.74
N GLY A 137 1.20 2.69 -8.33
CA GLY A 137 0.11 2.03 -7.64
C GLY A 137 -0.97 2.91 -7.01
N ILE A 138 -0.81 4.22 -7.08
CA ILE A 138 -1.79 5.11 -6.44
C ILE A 138 -3.21 5.00 -7.03
N PRO A 139 -3.38 5.14 -8.35
CA PRO A 139 -4.76 5.06 -8.88
C PRO A 139 -5.38 3.67 -8.66
N GLU A 140 -4.54 2.65 -8.60
CA GLU A 140 -4.98 1.29 -8.37
C GLU A 140 -5.53 1.04 -6.97
N ILE A 141 -5.41 2.02 -6.07
CA ILE A 141 -5.98 1.88 -4.75
C ILE A 141 -7.48 1.65 -4.84
N GLY A 142 -8.15 2.27 -5.80
CA GLY A 142 -9.54 1.96 -6.02
C GLY A 142 -10.21 2.89 -6.99
N ASP A 143 -11.52 2.70 -7.12
CA ASP A 143 -12.32 3.41 -8.11
C ASP A 143 -12.61 4.86 -7.78
N TYR A 144 -12.28 5.27 -6.56
CA TYR A 144 -12.48 6.64 -6.09
C TYR A 144 -11.17 7.42 -5.99
N VAL A 145 -10.07 6.80 -6.41
CA VAL A 145 -8.76 7.46 -6.34
C VAL A 145 -8.24 7.79 -7.72
N ALA A 146 -8.08 9.09 -7.98
CA ALA A 146 -7.47 9.57 -9.21
C ALA A 146 -6.30 10.48 -8.83
N ARG A 147 -5.46 10.80 -9.81
CA ARG A 147 -4.37 11.76 -9.57
C ARG A 147 -4.14 12.60 -10.81
N VAL A 148 -3.70 13.84 -10.60
CA VAL A 148 -3.33 14.71 -11.70
C VAL A 148 -1.82 14.78 -11.88
N SER A 149 -1.08 14.05 -11.04
CA SER A 149 0.38 14.08 -11.06
C SER A 149 0.93 12.85 -11.73
N ALA A 150 1.59 13.06 -12.86
CA ALA A 150 2.20 11.98 -13.62
C ALA A 150 3.21 11.24 -12.74
N PRO A 151 3.26 9.91 -12.88
CA PRO A 151 4.07 9.13 -11.93
C PRO A 151 5.56 9.09 -12.23
N VAL A 152 6.30 8.55 -11.28
CA VAL A 152 7.76 8.51 -11.34
C VAL A 152 8.29 7.87 -12.63
N SER A 153 7.60 6.86 -13.14
CA SER A 153 8.08 6.16 -14.33
C SER A 153 8.19 7.06 -15.56
N VAL A 154 7.38 8.11 -15.63
CA VAL A 154 7.46 9.01 -16.79
CA VAL A 154 7.40 9.02 -16.78
C VAL A 154 8.13 10.34 -16.47
N VAL A 155 8.24 10.68 -15.19
CA VAL A 155 8.88 11.94 -14.80
C VAL A 155 10.39 11.81 -14.63
N ALA A 156 10.82 10.83 -13.82
CA ALA A 156 12.21 10.74 -13.39
C ALA A 156 13.25 10.52 -14.50
N PRO A 157 12.96 9.68 -15.52
CA PRO A 157 14.05 9.41 -16.48
C PRO A 157 14.57 10.67 -17.20
N ASN A 158 13.72 11.67 -17.36
CA ASN A 158 14.16 12.86 -18.07
CA ASN A 158 14.06 12.94 -17.99
C ASN A 158 15.34 13.57 -17.41
N SER A 159 15.43 13.55 -16.09
CA SER A 159 16.56 14.21 -15.44
C SER A 159 17.87 13.45 -15.66
N VAL A 160 17.82 12.13 -15.77
CA VAL A 160 19.03 11.37 -16.09
C VAL A 160 19.51 11.72 -17.50
N LYS A 161 18.57 11.79 -18.44
CA LYS A 161 18.93 12.16 -19.81
C LYS A 161 19.53 13.58 -19.87
N ALA A 162 18.97 14.49 -19.08
CA ALA A 162 19.50 15.85 -19.03
C ALA A 162 20.92 15.88 -18.48
N ALA A 163 21.18 15.09 -17.43
CA ALA A 163 22.52 15.02 -16.88
C ALA A 163 23.52 14.53 -17.92
N LEU A 164 23.12 13.53 -18.70
CA LEU A 164 24.00 12.99 -19.73
C LEU A 164 24.21 13.96 -20.87
N LYS A 165 23.23 14.81 -21.14
CA LYS A 165 23.41 15.86 -22.13
C LYS A 165 24.46 16.88 -21.66
N GLN A 166 24.40 17.26 -20.38
CA GLN A 166 25.34 18.23 -19.85
C GLN A 166 26.73 17.64 -19.65
N ASN A 167 26.81 16.35 -19.39
CA ASN A 167 28.09 15.66 -19.33
C ASN A 167 28.00 14.26 -19.93
N PRO A 168 28.29 14.16 -21.23
CA PRO A 168 28.19 12.89 -21.94
C PRO A 168 29.20 11.86 -21.42
N ASN A 169 30.17 12.27 -20.62
CA ASN A 169 31.18 11.37 -20.12
C ASN A 169 30.87 10.76 -18.75
N ILE A 170 29.66 11.00 -18.23
CA ILE A 170 29.25 10.33 -17.02
C ILE A 170 29.30 8.81 -17.22
N LYS A 171 29.96 8.11 -16.30
CA LYS A 171 30.01 6.65 -16.34
C LYS A 171 29.53 6.00 -15.06
N LYS A 172 29.91 6.57 -13.91
CA LYS A 172 29.62 5.97 -12.61
C LYS A 172 28.56 6.78 -11.88
N VAL A 173 27.57 6.07 -11.33
CA VAL A 173 26.44 6.73 -10.68
C VAL A 173 26.24 6.15 -9.28
N ALA A 174 26.12 7.04 -8.30
CA ALA A 174 25.74 6.65 -6.93
C ALA A 174 24.31 7.11 -6.68
N VAL A 175 23.50 6.22 -6.11
CA VAL A 175 22.10 6.49 -5.87
C VAL A 175 21.83 6.46 -4.36
N PHE A 176 21.01 7.41 -3.89
CA PHE A 176 20.61 7.50 -2.48
C PHE A 176 19.09 7.50 -2.44
N PHE A 177 18.49 6.81 -1.47
CA PHE A 177 17.05 6.92 -1.30
C PHE A 177 16.60 6.79 0.15
N ALA A 178 15.45 7.39 0.44
CA ALA A 178 14.83 7.33 1.76
C ALA A 178 14.02 6.05 1.88
N GLN A 179 14.55 5.12 2.66
CA GLN A 179 13.95 3.79 2.71
CA GLN A 179 14.02 3.77 2.82
C GLN A 179 12.65 3.73 3.50
N ASN A 180 12.32 4.79 4.23
CA ASN A 180 11.06 4.83 4.97
C ASN A 180 9.90 5.46 4.21
N ASP A 181 10.14 5.94 2.99
CA ASP A 181 9.14 6.70 2.25
C ASP A 181 8.72 6.00 0.96
N ALA A 182 7.43 5.77 0.80
CA ALA A 182 6.93 4.96 -0.31
C ALA A 182 7.29 5.55 -1.67
N PHE A 183 7.12 6.86 -1.82
CA PHE A 183 7.44 7.49 -3.09
C PHE A 183 8.93 7.41 -3.38
N SER A 184 9.77 7.61 -2.37
CA SER A 184 11.20 7.59 -2.59
C SER A 184 11.66 6.22 -3.06
N LYS A 185 11.06 5.16 -2.51
CA LYS A 185 11.40 3.82 -2.94
CA LYS A 185 11.36 3.79 -2.92
C LYS A 185 10.91 3.54 -4.36
N SER A 186 9.74 4.05 -4.71
CA SER A 186 9.22 3.89 -6.06
C SER A 186 10.09 4.67 -7.06
N GLU A 187 10.44 5.90 -6.70
CA GLU A 187 11.25 6.74 -7.56
C GLU A 187 12.64 6.15 -7.79
N THR A 188 13.26 5.65 -6.73
CA THR A 188 14.62 5.17 -6.86
C THR A 188 14.68 3.94 -7.78
N GLU A 189 13.62 3.13 -7.80
CA GLU A 189 13.55 1.99 -8.68
CA GLU A 189 13.59 1.99 -8.68
C GLU A 189 13.66 2.45 -10.14
N ILE A 190 12.92 3.52 -10.44
CA ILE A 190 12.97 4.08 -11.79
C ILE A 190 14.34 4.68 -12.12
N PHE A 191 14.90 5.45 -11.20
CA PHE A 191 16.23 6.01 -11.44
C PHE A 191 17.26 4.90 -11.68
N GLN A 192 17.23 3.85 -10.87
CA GLN A 192 18.20 2.77 -11.01
C GLN A 192 18.03 2.06 -12.35
N GLN A 193 16.78 1.82 -12.75
CA GLN A 193 16.55 1.17 -14.03
C GLN A 193 17.03 2.05 -15.18
N THR A 194 16.79 3.35 -15.09
CA THR A 194 17.21 4.28 -16.12
C THR A 194 18.74 4.33 -16.24
N VAL A 195 19.42 4.35 -15.10
CA VAL A 195 20.88 4.29 -15.08
C VAL A 195 21.38 3.06 -15.84
N LYS A 196 20.78 1.90 -15.55
CA LYS A 196 21.15 0.68 -16.23
CA LYS A 196 21.12 0.66 -16.23
C LYS A 196 20.87 0.76 -17.73
N ASP A 197 19.69 1.25 -18.08
CA ASP A 197 19.30 1.32 -19.49
C ASP A 197 20.16 2.29 -20.29
N GLN A 198 20.70 3.31 -19.62
CA GLN A 198 21.60 4.26 -20.26
C GLN A 198 23.03 3.73 -20.36
N GLY A 199 23.25 2.50 -19.88
CA GLY A 199 24.56 1.86 -19.99
C GLY A 199 25.57 2.36 -18.97
N LEU A 200 25.09 2.89 -17.85
CA LEU A 200 25.98 3.43 -16.83
C LEU A 200 26.24 2.40 -15.73
N GLU A 201 27.29 2.62 -14.96
CA GLU A 201 27.64 1.74 -13.86
C GLU A 201 27.04 2.26 -12.56
N LEU A 202 26.22 1.44 -11.91
CA LEU A 202 25.65 1.78 -10.62
C LEU A 202 26.64 1.36 -9.53
N VAL A 203 27.40 2.30 -9.00
CA VAL A 203 28.48 1.95 -8.07
C VAL A 203 28.01 1.71 -6.63
N THR A 204 26.88 2.29 -6.23
CA THR A 204 26.30 2.03 -4.92
C THR A 204 24.88 2.53 -4.87
N VAL A 205 24.09 1.89 -4.02
CA VAL A 205 22.80 2.40 -3.60
C VAL A 205 22.84 2.55 -2.08
N GLN A 206 22.72 3.79 -1.61
CA GLN A 206 22.78 4.10 -0.18
C GLN A 206 21.39 4.46 0.34
N LYS A 207 21.09 3.99 1.54
CA LYS A 207 19.80 4.22 2.18
C LYS A 207 19.93 5.27 3.28
N PHE A 208 18.86 6.02 3.48
CA PHE A 208 18.74 6.92 4.61
C PHE A 208 17.26 7.00 5.02
N GLN A 209 16.98 7.73 6.09
CA GLN A 209 15.61 7.99 6.54
C GLN A 209 15.28 9.45 6.27
N THR A 210 14.02 9.75 5.95
CA THR A 210 13.64 11.15 5.73
C THR A 210 13.87 12.05 6.95
N THR A 211 13.89 11.43 8.13
CA THR A 211 14.10 12.18 9.38
C THR A 211 15.57 12.38 9.73
N ASP A 212 16.47 11.76 8.98
CA ASP A 212 17.89 11.97 9.20
C ASP A 212 18.29 13.39 8.78
N THR A 213 19.28 13.94 9.49
CA THR A 213 19.91 15.20 9.10
C THR A 213 21.37 15.02 8.71
N ASP A 214 21.98 13.91 9.14
CA ASP A 214 23.40 13.62 8.96
C ASP A 214 23.56 12.43 8.04
N PHE A 215 24.39 12.59 7.01
CA PHE A 215 24.61 11.57 6.01
C PHE A 215 26.08 11.33 5.77
N GLN A 216 26.92 11.64 6.74
CA GLN A 216 28.35 11.60 6.48
CA GLN A 216 28.37 11.57 6.55
C GLN A 216 28.82 10.21 6.03
N SER A 217 28.34 9.15 6.67
CA SER A 217 28.84 7.84 6.28
C SER A 217 28.40 7.43 4.87
N GLN A 218 27.12 7.63 4.55
CA GLN A 218 26.66 7.27 3.22
C GLN A 218 27.32 8.12 2.14
N ALA A 219 27.45 9.42 2.42
CA ALA A 219 28.07 10.33 1.47
C ALA A 219 29.52 9.95 1.20
N THR A 220 30.26 9.68 2.27
CA THR A 220 31.65 9.30 2.13
C THR A 220 31.79 7.97 1.40
N ASN A 221 30.94 7.01 1.74
CA ASN A 221 30.98 5.72 1.08
C ASN A 221 30.77 5.86 -0.43
N ALA A 222 29.87 6.75 -0.82
CA ALA A 222 29.65 7.01 -2.24
C ALA A 222 30.81 7.75 -2.87
N ILE A 223 31.28 8.80 -2.22
CA ILE A 223 32.36 9.62 -2.75
C ILE A 223 33.63 8.78 -3.01
N ASN A 224 33.88 7.81 -2.13
CA ASN A 224 35.05 6.95 -2.29
C ASN A 224 35.02 6.12 -3.57
N LEU A 225 33.83 5.96 -4.16
CA LEU A 225 33.66 5.19 -5.39
C LEU A 225 33.77 6.04 -6.64
N LYS A 226 34.08 7.31 -6.47
CA LYS A 226 34.31 8.25 -7.58
C LYS A 226 33.15 8.34 -8.59
N PRO A 227 31.94 8.57 -8.10
CA PRO A 227 30.84 8.73 -9.06
C PRO A 227 30.95 10.02 -9.85
N ASP A 228 30.41 9.99 -11.06
CA ASP A 228 30.28 11.17 -11.91
C ASP A 228 28.91 11.82 -11.76
N LEU A 229 27.96 11.07 -11.21
CA LEU A 229 26.58 11.50 -11.04
C LEU A 229 26.07 10.90 -9.74
N VAL A 230 25.34 11.70 -8.98
CA VAL A 230 24.65 11.27 -7.77
C VAL A 230 23.18 11.58 -7.95
N ILE A 231 22.33 10.63 -7.57
CA ILE A 231 20.89 10.77 -7.68
C ILE A 231 20.29 10.58 -6.28
N ILE A 232 19.42 11.50 -5.88
CA ILE A 232 18.84 11.48 -4.54
C ILE A 232 17.32 11.44 -4.62
N SER A 233 16.73 10.40 -4.01
CA SER A 233 15.28 10.31 -3.82
C SER A 233 14.96 10.41 -2.33
N GLY A 234 14.57 11.60 -1.90
CA GLY A 234 14.09 11.81 -0.54
C GLY A 234 13.08 12.93 -0.57
N LEU A 235 12.85 13.53 0.59
CA LEU A 235 12.02 14.72 0.68
C LEU A 235 12.92 15.96 0.81
N ALA A 236 12.35 17.08 1.26
CA ALA A 236 13.01 18.37 1.05
C ALA A 236 14.13 18.67 2.04
N ALA A 237 13.84 18.59 3.34
CA ALA A 237 14.87 18.87 4.34
C ALA A 237 16.00 17.86 4.24
N ASP A 238 15.65 16.58 4.17
CA ASP A 238 16.64 15.53 4.07
C ASP A 238 17.42 15.62 2.76
N GLY A 239 16.73 15.79 1.65
CA GLY A 239 17.42 15.93 0.38
C GLY A 239 18.38 17.09 0.35
N GLY A 240 17.93 18.24 0.84
CA GLY A 240 18.78 19.42 0.86
C GLY A 240 20.00 19.25 1.75
N ASN A 241 19.81 18.62 2.91
CA ASN A 241 20.94 18.37 3.82
C ASN A 241 21.96 17.44 3.17
N LEU A 242 21.47 16.40 2.48
CA LEU A 242 22.36 15.47 1.80
C LEU A 242 23.15 16.16 0.67
N VAL A 243 22.47 16.97 -0.14
CA VAL A 243 23.16 17.74 -1.17
C VAL A 243 24.30 18.59 -0.56
N ARG A 244 23.97 19.31 0.50
CA ARG A 244 24.97 20.17 1.12
C ARG A 244 26.17 19.35 1.59
N GLN A 245 25.90 18.24 2.24
CA GLN A 245 26.98 17.43 2.80
CA GLN A 245 26.98 17.43 2.81
C GLN A 245 27.85 16.77 1.74
N LEU A 246 27.24 16.33 0.65
CA LEU A 246 28.01 15.80 -0.46
C LEU A 246 29.03 16.83 -0.95
N ARG A 247 28.56 18.07 -1.12
CA ARG A 247 29.45 19.13 -1.57
C ARG A 247 30.53 19.44 -0.52
N GLU A 248 30.14 19.51 0.75
CA GLU A 248 31.10 19.77 1.84
C GLU A 248 32.20 18.72 1.85
N LEU A 249 31.83 17.49 1.54
CA LEU A 249 32.76 16.36 1.57
C LEU A 249 33.58 16.24 0.29
N GLY A 250 33.41 17.20 -0.61
CA GLY A 250 34.29 17.32 -1.77
C GLY A 250 33.76 16.76 -3.08
N TYR A 251 32.51 16.30 -3.08
CA TYR A 251 31.94 15.78 -4.32
C TYR A 251 31.74 16.91 -5.33
N GLN A 252 32.27 16.74 -6.53
CA GLN A 252 32.22 17.79 -7.55
C GLN A 252 31.43 17.42 -8.80
N GLY A 253 30.84 16.22 -8.81
CA GLY A 253 30.11 15.75 -9.97
C GLY A 253 28.68 16.27 -10.04
N ALA A 254 27.91 15.72 -10.97
CA ALA A 254 26.53 16.14 -11.18
C ALA A 254 25.62 15.58 -10.09
N ILE A 255 24.52 16.28 -9.82
CA ILE A 255 23.51 15.82 -8.88
C ILE A 255 22.13 15.96 -9.48
N ILE A 256 21.35 14.88 -9.39
CA ILE A 256 19.92 14.91 -9.67
C ILE A 256 19.16 14.75 -8.37
N GLY A 257 18.16 15.62 -8.16
CA GLY A 257 17.20 15.43 -7.10
C GLY A 257 15.88 14.95 -7.66
N GLY A 258 15.23 14.05 -6.94
CA GLY A 258 13.89 13.62 -7.28
C GLY A 258 12.83 14.64 -6.88
N ASP A 259 11.58 14.25 -7.01
CA ASP A 259 10.45 15.16 -6.83
C ASP A 259 10.40 15.75 -5.41
N GLY A 260 10.92 15.02 -4.43
CA GLY A 260 10.89 15.49 -3.06
C GLY A 260 11.80 16.67 -2.78
N LEU A 261 12.74 16.93 -3.70
CA LEU A 261 13.62 18.09 -3.59
C LEU A 261 13.13 19.26 -4.45
N ASN A 262 11.96 19.09 -5.07
CA ASN A 262 11.47 20.05 -6.05
C ASN A 262 10.73 21.22 -5.42
N THR A 263 11.48 21.99 -4.63
CA THR A 263 10.93 23.17 -3.97
C THR A 263 12.04 24.12 -3.63
N SER A 264 11.77 25.42 -3.77
CA SER A 264 12.72 26.44 -3.34
C SER A 264 12.97 26.36 -1.85
N ASN A 265 12.17 25.61 -1.10
CA ASN A 265 12.49 25.40 0.30
C ASN A 265 13.80 24.64 0.52
N VAL A 266 14.31 23.96 -0.51
CA VAL A 266 15.64 23.38 -0.36
C VAL A 266 16.76 24.42 -0.37
N PHE A 267 16.49 25.60 -0.95
CA PHE A 267 17.54 26.61 -1.11
C PHE A 267 18.14 27.02 0.23
N ALA A 268 17.30 27.14 1.26
CA ALA A 268 17.79 27.54 2.58
C ALA A 268 18.71 26.49 3.19
N VAL A 269 18.51 25.24 2.79
CA VAL A 269 19.20 24.12 3.40
C VAL A 269 20.59 23.92 2.81
N CYS A 270 20.68 23.85 1.48
CA CYS A 270 21.99 23.69 0.85
C CYS A 270 22.65 25.01 0.42
N LYS A 271 21.89 26.11 0.44
CA LYS A 271 22.43 27.45 0.11
C LYS A 271 23.19 27.43 -1.21
N ALA A 272 24.39 28.01 -1.27
CA ALA A 272 25.10 28.06 -2.56
C ALA A 272 25.40 26.65 -3.09
N LEU A 273 25.47 25.68 -2.19
CA LEU A 273 25.82 24.32 -2.57
C LEU A 273 24.64 23.57 -3.21
N CYS A 274 23.47 24.22 -3.32
CA CYS A 274 22.37 23.66 -4.12
C CYS A 274 22.62 23.83 -5.61
N ASP A 275 23.56 24.70 -5.97
CA ASP A 275 23.71 25.09 -7.36
C ASP A 275 23.97 23.91 -8.28
N GLY A 276 23.22 23.84 -9.39
CA GLY A 276 23.43 22.83 -10.40
C GLY A 276 22.58 21.58 -10.28
N VAL A 277 21.86 21.41 -9.18
CA VAL A 277 21.03 20.23 -9.02
C VAL A 277 19.94 20.20 -10.10
N LEU A 278 19.81 19.05 -10.77
CA LEU A 278 18.83 18.85 -11.83
C LEU A 278 17.58 18.17 -11.26
N ILE A 279 16.41 18.71 -11.56
CA ILE A 279 15.16 18.16 -11.07
C ILE A 279 14.10 18.16 -12.17
N ALA A 280 13.58 16.98 -12.49
CA ALA A 280 12.54 16.85 -13.49
C ALA A 280 11.27 17.59 -13.06
N GLN A 281 10.49 18.02 -14.06
CA GLN A 281 9.29 18.83 -13.82
C GLN A 281 8.12 18.32 -14.63
N ALA A 282 6.93 18.36 -14.04
CA ALA A 282 5.71 17.98 -14.73
C ALA A 282 4.84 19.22 -15.03
N TYR A 283 5.48 20.39 -15.02
CA TYR A 283 4.81 21.67 -15.19
C TYR A 283 5.85 22.66 -15.68
N SER A 284 5.46 23.56 -16.58
CA SER A 284 6.32 24.68 -16.94
C SER A 284 5.58 26.00 -16.85
N PRO A 285 6.16 26.98 -16.14
CA PRO A 285 5.56 28.32 -16.10
C PRO A 285 5.36 28.92 -17.48
N GLU A 286 6.20 28.52 -18.44
CA GLU A 286 6.16 29.09 -19.78
C GLU A 286 5.18 28.40 -20.72
N TYR A 287 4.51 27.35 -20.24
CA TYR A 287 3.47 26.71 -21.04
C TYR A 287 2.38 27.72 -21.38
N THR A 288 2.02 27.81 -22.66
CA THR A 288 1.21 28.91 -23.15
C THR A 288 -0.31 28.74 -23.08
N GLY A 289 -0.78 27.70 -22.40
CA GLY A 289 -2.21 27.53 -22.21
C GLY A 289 -2.81 28.76 -21.52
N GLU A 290 -3.98 29.18 -21.97
CA GLU A 290 -4.63 30.38 -21.44
C GLU A 290 -4.76 30.37 -19.93
N ILE A 291 -5.17 29.24 -19.37
CA ILE A 291 -5.36 29.17 -17.94
C ILE A 291 -4.03 29.20 -17.20
N ASN A 292 -2.97 28.69 -17.83
CA ASN A 292 -1.66 28.76 -17.21
C ASN A 292 -1.21 30.22 -17.16
N LYS A 293 -1.48 30.95 -18.23
CA LYS A 293 -1.16 32.37 -18.25
C LYS A 293 -1.83 33.09 -17.08
N ALA A 294 -3.12 32.80 -16.87
CA ALA A 294 -3.87 33.43 -15.79
C ALA A 294 -3.34 32.99 -14.43
N PHE A 295 -3.17 31.68 -14.26
CA PHE A 295 -2.61 31.12 -13.03
C PHE A 295 -1.22 31.68 -12.75
N ARG A 296 -0.36 31.67 -13.76
CA ARG A 296 1.00 32.17 -13.61
C ARG A 296 1.01 33.63 -13.21
N GLN A 297 0.20 34.45 -13.89
CA GLN A 297 0.18 35.87 -13.58
C GLN A 297 -0.29 36.12 -12.16
N ALA A 298 -1.33 35.40 -11.75
CA ALA A 298 -1.84 35.51 -10.38
C ALA A 298 -0.75 35.11 -9.39
N TYR A 299 -0.05 34.03 -9.69
CA TYR A 299 1.01 33.56 -8.80
C TYR A 299 2.17 34.57 -8.72
N VAL A 300 2.69 34.99 -9.86
CA VAL A 300 3.84 35.88 -9.90
C VAL A 300 3.54 37.21 -9.21
N ASP A 301 2.34 37.73 -9.43
CA ASP A 301 1.98 39.02 -8.83
C ASP A 301 1.99 38.93 -7.31
N GLN A 302 1.59 37.78 -6.77
CA GLN A 302 1.56 37.63 -5.32
C GLN A 302 2.90 37.22 -4.73
N TYR A 303 3.52 36.20 -5.28
CA TYR A 303 4.68 35.56 -4.67
C TYR A 303 6.03 36.02 -5.25
N LYS A 304 5.98 36.82 -6.30
CA LYS A 304 7.18 37.48 -6.87
C LYS A 304 8.18 36.48 -7.44
N LYS A 305 7.69 35.32 -7.86
CA LYS A 305 8.53 34.33 -8.52
C LYS A 305 7.63 33.42 -9.33
N GLU A 306 8.22 32.57 -10.15
CA GLU A 306 7.44 31.68 -11.00
C GLU A 306 6.70 30.63 -10.16
N PRO A 307 5.50 30.24 -10.61
CA PRO A 307 4.78 29.19 -9.88
C PRO A 307 5.52 27.86 -9.90
N PRO A 308 5.67 27.23 -8.73
CA PRO A 308 6.28 25.92 -8.69
C PRO A 308 5.32 24.81 -9.13
N GLN A 309 5.89 23.70 -9.58
CA GLN A 309 5.12 22.52 -9.94
C GLN A 309 4.01 22.17 -8.94
N PHE A 310 4.35 22.12 -7.65
CA PHE A 310 3.37 21.64 -6.67
C PHE A 310 2.17 22.58 -6.57
N SER A 311 2.39 23.87 -6.78
CA SER A 311 1.28 24.83 -6.80
C SER A 311 0.38 24.62 -8.01
N ALA A 312 0.98 24.41 -9.18
CA ALA A 312 0.23 24.16 -10.40
C ALA A 312 -0.59 22.87 -10.30
N GLN A 313 0.01 21.84 -9.71
CA GLN A 313 -0.67 20.56 -9.58
C GLN A 313 -1.87 20.65 -8.64
N ALA A 314 -1.72 21.37 -7.53
CA ALA A 314 -2.84 21.58 -6.62
C ALA A 314 -3.96 22.39 -7.28
N PHE A 315 -3.59 23.41 -8.05
CA PHE A 315 -4.59 24.17 -8.80
C PHE A 315 -5.36 23.23 -9.74
N ALA A 316 -4.63 22.39 -10.47
CA ALA A 316 -5.25 21.48 -11.41
C ALA A 316 -6.24 20.52 -10.72
N ALA A 317 -5.88 20.05 -9.52
CA ALA A 317 -6.78 19.16 -8.79
C ALA A 317 -8.09 19.87 -8.42
N VAL A 318 -8.00 21.11 -7.95
CA VAL A 318 -9.20 21.86 -7.65
C VAL A 318 -10.01 22.10 -8.93
N GLN A 319 -9.33 22.45 -10.02
CA GLN A 319 -9.98 22.64 -11.31
C GLN A 319 -10.79 21.42 -11.74
N VAL A 320 -10.21 20.23 -11.58
CA VAL A 320 -10.91 19.00 -11.91
C VAL A 320 -12.24 18.92 -11.17
N TYR A 321 -12.22 19.22 -9.88
CA TYR A 321 -13.46 19.21 -9.10
C TYR A 321 -14.45 20.27 -9.56
N VAL A 322 -13.98 21.49 -9.79
CA VAL A 322 -14.91 22.55 -10.19
C VAL A 322 -15.56 22.25 -11.52
N GLU A 323 -14.76 21.87 -12.50
CA GLU A 323 -15.29 21.63 -13.82
C GLU A 323 -16.19 20.39 -13.86
N SER A 324 -15.86 19.39 -13.07
CA SER A 324 -16.72 18.20 -12.95
CA SER A 324 -16.72 18.21 -13.00
C SER A 324 -18.03 18.50 -12.25
N LEU A 325 -17.96 19.31 -11.19
CA LEU A 325 -19.17 19.74 -10.51
C LEU A 325 -20.08 20.53 -11.45
N LYS A 326 -19.51 21.39 -12.28
CA LYS A 326 -20.30 22.14 -13.26
C LYS A 326 -20.97 21.22 -14.25
N ALA A 327 -20.23 20.26 -14.78
CA ALA A 327 -20.78 19.33 -15.76
C ALA A 327 -21.88 18.47 -15.15
N LEU A 328 -21.65 17.98 -13.93
CA LEU A 328 -22.65 17.20 -13.22
C LEU A 328 -23.90 18.05 -12.95
N ASP A 329 -23.70 19.25 -12.42
CA ASP A 329 -24.80 20.14 -12.05
C ASP A 329 -25.70 20.48 -13.24
N THR A 330 -25.10 20.64 -14.41
CA THR A 330 -25.86 20.91 -15.63
C THR A 330 -26.77 19.73 -16.00
N LYS A 331 -26.31 18.51 -15.76
CA LYS A 331 -27.07 17.30 -16.07
C LYS A 331 -28.00 16.85 -14.96
N ASN A 332 -27.69 17.22 -13.72
CA ASN A 332 -28.35 16.70 -12.53
C ASN A 332 -28.06 17.68 -11.40
N LYS A 333 -28.97 18.62 -11.17
CA LYS A 333 -28.70 19.75 -10.27
CA LYS A 333 -28.73 19.75 -10.26
C LYS A 333 -28.21 19.28 -8.90
N VAL A 334 -27.01 19.71 -8.54
CA VAL A 334 -26.37 19.16 -7.35
C VAL A 334 -27.01 19.55 -6.02
N SER A 335 -27.70 20.69 -5.99
CA SER A 335 -28.32 21.15 -4.76
C SER A 335 -29.37 20.16 -4.26
N LYS A 336 -29.89 19.35 -5.17
CA LYS A 336 -30.93 18.38 -4.84
C LYS A 336 -30.41 16.97 -4.60
N ILE A 337 -29.15 16.70 -4.94
CA ILE A 337 -28.61 15.37 -4.79
C ILE A 337 -28.14 15.16 -3.36
N GLN A 338 -28.59 14.09 -2.73
CA GLN A 338 -28.11 13.78 -1.38
CA GLN A 338 -28.11 13.78 -1.38
C GLN A 338 -26.63 13.42 -1.42
N LEU A 339 -25.94 13.70 -0.32
CA LEU A 339 -24.48 13.62 -0.29
C LEU A 339 -23.85 12.30 -0.79
N PRO A 340 -24.36 11.14 -0.34
CA PRO A 340 -23.67 9.92 -0.80
C PRO A 340 -23.74 9.75 -2.32
N GLU A 341 -24.89 10.06 -2.90
CA GLU A 341 -25.03 9.98 -4.35
C GLU A 341 -24.26 11.07 -5.07
N LEU A 342 -24.21 12.26 -4.48
CA LEU A 342 -23.43 13.35 -5.05
C LEU A 342 -21.96 12.96 -5.17
N ARG A 343 -21.42 12.36 -4.12
CA ARG A 343 -20.03 11.88 -4.14
C ARG A 343 -19.79 10.86 -5.24
N THR A 344 -20.69 9.88 -5.35
N THR A 344 -20.70 9.89 -5.36
CA THR A 344 -20.53 8.84 -6.34
CA THR A 344 -20.52 8.83 -6.34
C THR A 344 -20.64 9.40 -7.76
C THR A 344 -20.70 9.34 -7.77
N GLU A 345 -21.63 10.26 -7.99
CA GLU A 345 -21.81 10.86 -9.31
C GLU A 345 -20.67 11.81 -9.67
N LEU A 346 -20.13 12.51 -8.68
CA LEU A 346 -19.00 13.40 -8.92
C LEU A 346 -17.76 12.59 -9.32
N ASN A 347 -17.51 11.50 -8.61
CA ASN A 347 -16.40 10.62 -8.95
C ASN A 347 -16.53 10.09 -10.39
N LYS A 348 -17.73 9.61 -10.72
CA LYS A 348 -17.98 9.10 -12.05
C LYS A 348 -17.74 10.18 -13.10
N GLN A 349 -18.26 11.38 -12.83
CA GLN A 349 -18.10 12.49 -13.77
C GLN A 349 -16.64 12.88 -13.97
N LEU A 350 -15.90 13.06 -12.88
CA LEU A 350 -14.55 13.61 -13.02
C LEU A 350 -13.66 12.69 -13.85
N LEU A 351 -13.88 11.38 -13.73
CA LEU A 351 -13.11 10.41 -14.50
C LEU A 351 -13.30 10.53 -16.01
N THR A 352 -14.43 11.10 -16.44
CA THR A 352 -14.73 11.24 -17.86
C THR A 352 -14.28 12.57 -18.47
N GLY A 353 -13.84 13.50 -17.63
CA GLY A 353 -13.59 14.84 -18.11
C GLY A 353 -12.27 15.05 -18.82
N LYS A 354 -12.23 16.11 -19.62
CA LYS A 354 -11.01 16.62 -20.24
C LYS A 354 -10.82 18.03 -19.71
N TYR A 355 -9.60 18.34 -19.30
CA TYR A 355 -9.34 19.59 -18.58
C TYR A 355 -8.14 20.30 -19.17
N ASN A 356 -8.30 21.58 -19.49
CA ASN A 356 -7.20 22.41 -19.94
C ASN A 356 -6.66 23.16 -18.73
N THR A 357 -5.58 22.62 -18.16
CA THR A 357 -5.09 23.04 -16.86
C THR A 357 -3.73 23.71 -16.97
N PRO A 358 -3.18 24.24 -15.86
CA PRO A 358 -1.82 24.77 -15.96
C PRO A 358 -0.79 23.71 -16.36
N LEU A 359 -1.10 22.43 -16.11
CA LEU A 359 -0.23 21.31 -16.45
C LEU A 359 -0.33 20.92 -17.92
N GLY A 360 -1.22 21.57 -18.65
CA GLY A 360 -1.54 21.17 -20.01
C GLY A 360 -2.91 20.53 -20.08
N GLU A 361 -3.25 20.02 -21.25
CA GLU A 361 -4.49 19.28 -21.44
C GLU A 361 -4.32 17.92 -20.77
N ILE A 362 -5.18 17.63 -19.80
CA ILE A 362 -5.13 16.33 -19.13
C ILE A 362 -6.49 15.66 -19.11
N SER A 363 -6.48 14.36 -18.86
CA SER A 363 -7.69 13.57 -18.69
C SER A 363 -7.28 12.37 -17.85
N PHE A 364 -8.19 11.41 -17.69
CA PHE A 364 -7.92 10.25 -16.85
C PHE A 364 -8.15 8.95 -17.62
N THR A 365 -7.38 7.92 -17.24
CA THR A 365 -7.68 6.56 -17.69
C THR A 365 -8.89 6.06 -16.87
N PRO A 366 -9.46 4.91 -17.26
CA PRO A 366 -10.60 4.37 -16.51
C PRO A 366 -10.31 4.09 -15.04
N ILE A 367 -9.05 3.95 -14.65
CA ILE A 367 -8.73 3.76 -13.22
C ILE A 367 -8.15 4.97 -12.54
N GLY A 368 -8.22 6.13 -13.19
CA GLY A 368 -7.86 7.36 -12.51
C GLY A 368 -6.42 7.80 -12.65
N GLU A 369 -5.66 7.16 -13.54
CA GLU A 369 -4.32 7.63 -13.85
C GLU A 369 -4.43 8.85 -14.74
N VAL A 370 -3.49 9.78 -14.58
CA VAL A 370 -3.49 10.96 -15.43
C VAL A 370 -2.99 10.64 -16.83
N VAL A 371 -3.58 11.31 -17.82
CA VAL A 371 -3.10 11.32 -19.20
C VAL A 371 -2.49 12.72 -19.41
N GLN A 372 -1.18 12.78 -19.59
CA GLN A 372 -0.43 14.05 -19.70
C GLN A 372 0.75 13.89 -20.64
N LYS A 373 0.95 14.86 -21.52
CA LYS A 373 1.97 14.72 -22.57
C LYS A 373 3.37 15.25 -22.28
N ASP A 374 3.46 16.44 -21.71
CA ASP A 374 4.75 17.14 -21.69
C ASP A 374 5.48 17.15 -20.35
N PHE A 375 6.79 16.97 -20.41
CA PHE A 375 7.64 16.99 -19.22
C PHE A 375 8.89 17.82 -19.49
N TYR A 376 9.54 18.25 -18.42
CA TYR A 376 10.67 19.18 -18.53
C TYR A 376 11.72 18.80 -17.51
N VAL A 377 12.86 19.48 -17.56
CA VAL A 377 13.85 19.41 -16.50
C VAL A 377 14.29 20.84 -16.20
N ALA A 378 14.42 21.15 -14.91
CA ALA A 378 14.97 22.41 -14.49
C ALA A 378 16.24 22.18 -13.66
N GLN A 379 17.02 23.25 -13.51
CA GLN A 379 18.29 23.18 -12.80
C GLN A 379 18.33 24.32 -11.80
N ILE A 380 18.69 24.02 -10.57
CA ILE A 380 18.81 25.06 -9.55
C ILE A 380 19.98 25.98 -9.89
N LYS A 381 19.71 27.27 -9.91
CA LYS A 381 20.74 28.27 -10.12
C LYS A 381 20.75 29.18 -8.90
N MSE A 382 21.80 29.08 -8.09
CA MSE A 382 21.92 29.90 -6.89
C MSE A 382 22.77 31.13 -7.18
O MSE A 382 23.72 31.09 -7.96
CB MSE A 382 22.58 29.13 -5.75
CG MSE A 382 21.89 27.84 -5.36
SE MSE A 382 20.07 28.11 -4.72
CE MSE A 382 20.45 29.28 -3.20
N GLU A 383 22.43 32.23 -6.52
CA GLU A 383 23.33 33.37 -6.52
C GLU A 383 24.54 33.01 -5.65
N LYS A 384 25.69 33.57 -5.97
CA LYS A 384 26.95 33.18 -5.33
C LYS A 384 26.91 33.26 -3.81
N ASP A 385 26.22 34.27 -3.29
CA ASP A 385 26.07 34.45 -1.85
C ASP A 385 25.25 33.33 -1.21
N GLY A 386 24.44 32.65 -2.02
CA GLY A 386 23.70 31.49 -1.57
C GLY A 386 22.38 31.80 -0.87
N SER A 387 22.02 33.07 -0.80
CA SER A 387 20.81 33.48 -0.10
C SER A 387 19.58 33.48 -1.01
N GLN A 388 19.80 33.36 -2.32
CA GLN A 388 18.71 33.39 -3.28
C GLN A 388 19.01 32.48 -4.46
N GLY A 389 17.95 31.97 -5.08
CA GLY A 389 18.11 31.18 -6.29
C GLY A 389 16.82 31.03 -7.07
N LYS A 390 16.88 30.23 -8.12
CA LYS A 390 15.72 29.98 -8.96
C LYS A 390 15.88 28.66 -9.68
N PHE A 391 14.78 28.16 -10.24
CA PHE A 391 14.81 27.00 -11.12
C PHE A 391 14.87 27.46 -12.57
N THR A 392 15.96 27.12 -13.25
CA THR A 392 16.10 27.45 -14.66
C THR A 392 15.68 26.26 -15.50
N PHE A 393 14.68 26.46 -16.37
CA PHE A 393 14.22 25.38 -17.22
C PHE A 393 15.15 25.16 -18.38
N LEU A 394 15.52 23.90 -18.60
CA LEU A 394 16.37 23.54 -19.72
C LEU A 394 15.55 23.51 -21.00
N LYS A 395 16.18 23.88 -22.11
CA LYS A 395 15.50 23.87 -23.40
C LYS A 395 15.76 22.54 -24.11
N ASN B 32 1.72 -9.69 37.42
CA ASN B 32 2.32 -9.04 36.25
C ASN B 32 2.35 -9.94 35.01
N THR B 33 1.90 -9.41 33.90
CA THR B 33 1.86 -10.16 32.64
C THR B 33 2.38 -9.30 31.49
N ILE B 34 2.73 -9.95 30.39
CA ILE B 34 3.20 -9.23 29.21
C ILE B 34 2.09 -9.19 28.15
N PRO B 35 1.62 -7.98 27.80
CA PRO B 35 0.46 -7.88 26.89
C PRO B 35 0.85 -7.96 25.43
N ILE B 36 0.18 -8.86 24.70
CA ILE B 36 0.37 -8.99 23.27
C ILE B 36 -0.99 -8.76 22.62
N GLY B 37 -1.04 -7.88 21.63
CA GLY B 37 -2.29 -7.54 20.98
C GLY B 37 -2.65 -8.49 19.87
N ILE B 38 -3.92 -8.86 19.79
CA ILE B 38 -4.44 -9.70 18.72
C ILE B 38 -5.54 -8.91 18.03
N ALA B 39 -5.29 -8.52 16.78
CA ALA B 39 -6.20 -7.68 16.01
C ALA B 39 -6.67 -8.47 14.80
N LEU B 40 -7.84 -9.09 14.90
CA LEU B 40 -8.35 -9.99 13.88
C LEU B 40 -9.81 -9.70 13.63
N ALA B 41 -10.33 -10.18 12.50
CA ALA B 41 -11.73 -9.98 12.18
C ALA B 41 -12.61 -10.96 12.95
N GLN B 42 -13.32 -10.43 13.93
CA GLN B 42 -14.23 -11.23 14.75
C GLN B 42 -15.69 -10.96 14.42
N THR B 43 -15.93 -9.92 13.61
CA THR B 43 -17.23 -9.61 13.06
C THR B 43 -17.05 -9.33 11.57
N SER B 44 -18.18 -9.27 10.85
CA SER B 44 -18.26 -9.14 9.38
C SER B 44 -18.08 -10.48 8.71
N ASN B 45 -18.27 -10.53 7.40
CA ASN B 45 -18.02 -11.77 6.68
C ASN B 45 -16.56 -12.19 6.75
N VAL B 46 -15.68 -11.25 7.05
CA VAL B 46 -14.26 -11.58 7.21
C VAL B 46 -14.05 -12.48 8.45
N ALA B 47 -15.00 -12.46 9.38
CA ALA B 47 -14.91 -13.33 10.56
C ALA B 47 -15.01 -14.82 10.22
N LEU B 48 -15.51 -15.17 9.04
CA LEU B 48 -15.48 -16.58 8.60
C LEU B 48 -14.04 -17.09 8.49
N LEU B 49 -13.11 -16.16 8.28
CA LEU B 49 -11.68 -16.46 8.27
C LEU B 49 -11.04 -16.16 9.63
N GLY B 50 -11.41 -15.03 10.22
CA GLY B 50 -10.82 -14.59 11.47
C GLY B 50 -11.07 -15.49 12.66
N GLN B 51 -12.26 -16.10 12.74
CA GLN B 51 -12.56 -16.91 13.92
C GLN B 51 -11.57 -18.07 14.13
N GLU B 52 -11.08 -18.67 13.03
CA GLU B 52 -10.08 -19.74 13.11
C GLU B 52 -8.77 -19.23 13.69
N GLN B 53 -8.47 -17.98 13.36
CA GLN B 53 -7.25 -17.35 13.84
C GLN B 53 -7.35 -17.09 15.34
N VAL B 54 -8.51 -16.61 15.79
CA VAL B 54 -8.74 -16.40 17.21
C VAL B 54 -8.57 -17.72 17.96
N ALA B 55 -9.11 -18.80 17.39
CA ALA B 55 -8.99 -20.12 18.01
C ALA B 55 -7.53 -20.54 18.18
N GLY B 56 -6.74 -20.35 17.12
CA GLY B 56 -5.32 -20.70 17.18
C GLY B 56 -4.54 -19.87 18.18
N ALA B 57 -4.85 -18.57 18.23
CA ALA B 57 -4.20 -17.69 19.20
C ALA B 57 -4.52 -18.09 20.64
N LYS B 58 -5.78 -18.44 20.91
CA LYS B 58 -6.16 -18.86 22.26
C LYS B 58 -5.48 -20.17 22.66
N ILE B 59 -5.37 -21.09 21.73
CA ILE B 59 -4.65 -22.33 21.99
C ILE B 59 -3.18 -22.03 22.32
N ALA B 60 -2.58 -21.11 21.58
CA ALA B 60 -1.20 -20.70 21.85
C ALA B 60 -1.05 -20.10 23.24
N GLU B 61 -1.96 -19.21 23.62
CA GLU B 61 -1.87 -18.57 24.93
C GLU B 61 -1.82 -19.60 26.05
N LYS B 62 -2.72 -20.59 25.99
CA LYS B 62 -2.73 -21.63 27.02
C LYS B 62 -1.48 -22.49 26.96
N TYR B 63 -1.09 -22.90 25.75
CA TYR B 63 0.09 -23.73 25.58
C TYR B 63 1.34 -23.08 26.17
N PHE B 64 1.58 -21.82 25.80
CA PHE B 64 2.79 -21.14 26.26
C PHE B 64 2.75 -20.75 27.73
N ASN B 65 1.59 -20.32 28.22
CA ASN B 65 1.48 -20.00 29.63
C ASN B 65 1.58 -21.25 30.51
N ASP B 66 1.09 -22.38 30.04
CA ASP B 66 1.22 -23.64 30.79
C ASP B 66 2.68 -24.02 30.98
N LYS B 67 3.54 -23.54 30.10
CA LYS B 67 4.96 -23.86 30.18
C LYS B 67 5.78 -22.72 30.79
N GLY B 68 5.09 -21.79 31.42
CA GLY B 68 5.74 -20.75 32.18
C GLY B 68 5.77 -19.39 31.50
N GLY B 69 5.10 -19.25 30.36
CA GLY B 69 5.06 -17.97 29.67
C GLY B 69 6.44 -17.54 29.22
N VAL B 70 6.82 -16.32 29.59
CA VAL B 70 8.13 -15.79 29.25
C VAL B 70 9.03 -15.93 30.46
N ASN B 71 9.74 -17.06 30.55
CA ASN B 71 10.64 -17.34 31.66
C ASN B 71 10.00 -17.09 33.02
N GLY B 72 8.73 -17.49 33.16
CA GLY B 72 8.01 -17.32 34.40
C GLY B 72 6.89 -16.30 34.37
N THR B 73 7.01 -15.31 33.49
CA THR B 73 6.01 -14.25 33.41
C THR B 73 4.96 -14.62 32.36
N PRO B 74 3.69 -14.73 32.77
CA PRO B 74 2.69 -15.09 31.75
C PRO B 74 2.51 -14.00 30.70
N ILE B 75 2.13 -14.43 29.50
CA ILE B 75 1.63 -13.47 28.52
C ILE B 75 0.14 -13.28 28.74
N LYS B 76 -0.36 -12.17 28.21
CA LYS B 76 -1.78 -11.92 28.18
CA LYS B 76 -1.79 -11.90 28.19
C LYS B 76 -2.16 -11.44 26.80
N LEU B 77 -2.98 -12.21 26.10
CA LEU B 77 -3.46 -11.79 24.80
C LEU B 77 -4.62 -10.83 24.98
N ILE B 78 -4.52 -9.67 24.33
CA ILE B 78 -5.57 -8.68 24.37
C ILE B 78 -6.18 -8.59 22.97
N PHE B 79 -7.45 -8.97 22.87
CA PHE B 79 -8.13 -9.03 21.59
C PHE B 79 -8.87 -7.74 21.29
N GLN B 80 -8.65 -7.19 20.10
CA GLN B 80 -9.45 -6.06 19.62
CA GLN B 80 -9.44 -6.07 19.63
C GLN B 80 -9.92 -6.38 18.22
N ASP B 81 -11.23 -6.51 18.07
CA ASP B 81 -11.86 -6.82 16.79
C ASP B 81 -11.59 -5.70 15.79
N THR B 82 -11.15 -6.06 14.60
CA THR B 82 -10.92 -5.11 13.53
C THR B 82 -12.15 -4.87 12.67
N ALA B 83 -13.16 -5.73 12.80
CA ALA B 83 -14.23 -5.86 11.81
C ALA B 83 -13.63 -6.09 10.42
N GLY B 84 -14.32 -5.70 9.35
CA GLY B 84 -13.95 -6.13 8.02
C GLY B 84 -13.33 -5.08 7.12
N ASP B 85 -13.07 -3.87 7.64
CA ASP B 85 -12.57 -2.78 6.80
C ASP B 85 -11.28 -2.19 7.35
N GLU B 86 -10.79 -1.15 6.69
CA GLU B 86 -9.54 -0.52 7.06
C GLU B 86 -9.69 0.32 8.33
N ALA B 87 -10.75 1.12 8.40
CA ALA B 87 -10.98 1.99 9.55
C ALA B 87 -11.05 1.19 10.85
N GLY B 88 -11.72 0.04 10.82
CA GLY B 88 -11.81 -0.78 12.00
C GLY B 88 -10.46 -1.34 12.42
N THR B 89 -9.61 -1.62 11.45
CA THR B 89 -8.28 -2.14 11.75
C THR B 89 -7.39 -1.06 12.34
N ILE B 90 -7.44 0.13 11.76
CA ILE B 90 -6.71 1.28 12.29
C ILE B 90 -7.12 1.54 13.74
N ASN B 91 -8.43 1.52 13.99
CA ASN B 91 -8.92 1.73 15.34
C ASN B 91 -8.42 0.66 16.31
N ALA B 92 -8.49 -0.60 15.89
CA ALA B 92 -8.01 -1.69 16.72
C ALA B 92 -6.53 -1.54 17.04
N PHE B 93 -5.71 -1.26 16.03
CA PHE B 93 -4.27 -1.08 16.23
C PHE B 93 -4.00 0.08 17.21
N GLN B 94 -4.67 1.22 17.00
CA GLN B 94 -4.43 2.38 17.86
C GLN B 94 -4.85 2.10 19.30
N THR B 95 -5.95 1.39 19.48
CA THR B 95 -6.37 1.01 20.83
C THR B 95 -5.33 0.11 21.49
N LEU B 96 -4.88 -0.91 20.76
CA LEU B 96 -3.91 -1.85 21.29
C LEU B 96 -2.60 -1.14 21.66
N ILE B 97 -2.15 -0.23 20.81
CA ILE B 97 -0.90 0.48 21.02
C ILE B 97 -0.98 1.46 22.18
N ASN B 98 -2.05 2.25 22.21
CA ASN B 98 -2.15 3.38 23.13
C ASN B 98 -2.88 3.09 24.44
N LYS B 99 -3.97 2.34 24.39
CA LYS B 99 -4.70 2.01 25.61
C LYS B 99 -4.17 0.74 26.24
N ASP B 100 -3.97 -0.29 25.44
CA ASP B 100 -3.60 -1.59 25.97
C ASP B 100 -2.09 -1.75 26.13
N LYS B 101 -1.31 -0.81 25.58
CA LYS B 101 0.14 -0.77 25.80
C LYS B 101 0.83 -2.08 25.41
N VAL B 102 0.40 -2.68 24.31
CA VAL B 102 0.92 -3.99 23.94
C VAL B 102 2.37 -3.92 23.46
N VAL B 103 3.11 -5.02 23.65
CA VAL B 103 4.50 -5.06 23.21
C VAL B 103 4.61 -5.34 21.72
N GLY B 104 3.55 -5.86 21.13
CA GLY B 104 3.53 -6.21 19.73
C GLY B 104 2.12 -6.65 19.35
N ILE B 105 1.85 -6.68 18.05
CA ILE B 105 0.54 -7.05 17.52
C ILE B 105 0.66 -8.28 16.63
N VAL B 106 -0.31 -9.19 16.76
CA VAL B 106 -0.56 -10.23 15.76
C VAL B 106 -1.82 -9.81 15.00
N GLY B 107 -1.70 -9.66 13.68
CA GLY B 107 -2.83 -9.28 12.86
C GLY B 107 -2.33 -8.45 11.68
N PRO B 108 -3.25 -7.92 10.87
CA PRO B 108 -4.68 -8.17 10.92
C PRO B 108 -5.01 -9.42 10.08
N THR B 109 -6.28 -9.70 9.85
CA THR B 109 -6.66 -10.86 9.06
C THR B 109 -6.31 -10.68 7.58
N LEU B 110 -6.69 -9.53 7.00
CA LEU B 110 -6.55 -9.30 5.56
C LEU B 110 -5.39 -8.41 5.18
N SER B 111 -4.72 -8.75 4.08
CA SER B 111 -3.76 -7.84 3.49
C SER B 111 -4.37 -6.47 3.18
N GLN B 112 -5.62 -6.45 2.71
CA GLN B 112 -6.33 -5.21 2.45
C GLN B 112 -6.28 -4.28 3.67
N GLN B 113 -6.49 -4.87 4.85
CA GLN B 113 -6.45 -4.11 6.09
C GLN B 113 -5.02 -3.73 6.48
N ALA B 114 -4.08 -4.67 6.29
CA ALA B 114 -2.68 -4.46 6.66
C ALA B 114 -2.06 -3.28 5.92
N PHE B 115 -2.35 -3.10 4.63
CA PHE B 115 -1.71 -2.01 3.90
C PHE B 115 -2.12 -0.65 4.45
N SER B 116 -3.30 -0.55 5.04
CA SER B 116 -3.74 0.69 5.66
CA SER B 116 -3.73 0.70 5.67
C SER B 116 -3.27 0.84 7.11
N ALA B 117 -3.39 -0.23 7.89
CA ALA B 117 -3.13 -0.16 9.33
C ALA B 117 -1.68 -0.40 9.74
N ASN B 118 -0.99 -1.31 9.05
CA ASN B 118 0.37 -1.61 9.45
C ASN B 118 1.29 -0.38 9.49
N PRO B 119 1.13 0.58 8.55
CA PRO B 119 1.96 1.79 8.65
C PRO B 119 1.79 2.55 9.97
N ILE B 120 0.62 2.43 10.61
CA ILE B 120 0.40 3.03 11.93
C ILE B 120 1.36 2.45 12.96
N ALA B 121 1.45 1.12 12.98
CA ALA B 121 2.36 0.43 13.88
C ALA B 121 3.82 0.70 13.53
N GLU B 122 4.13 0.71 12.23
CA GLU B 122 5.48 1.03 11.80
C GLU B 122 5.91 2.40 12.34
N ARG B 123 5.05 3.40 12.17
CA ARG B 123 5.35 4.76 12.60
C ARG B 123 5.53 4.82 14.11
N ALA B 124 4.73 4.04 14.83
CA ALA B 124 4.78 3.98 16.29
C ALA B 124 5.89 3.09 16.83
N LYS B 125 6.62 2.42 15.94
N LYS B 125 6.60 2.41 15.94
CA LYS B 125 7.67 1.48 16.32
CA LYS B 125 7.67 1.47 16.31
C LYS B 125 7.14 0.35 17.23
C LYS B 125 7.15 0.35 17.22
N VAL B 126 6.07 -0.27 16.76
CA VAL B 126 5.44 -1.40 17.44
C VAL B 126 5.48 -2.57 16.46
N PRO B 127 6.06 -3.72 16.86
CA PRO B 127 6.11 -4.83 15.90
C PRO B 127 4.73 -5.37 15.56
N VAL B 128 4.60 -5.79 14.31
CA VAL B 128 3.43 -6.50 13.80
C VAL B 128 3.94 -7.81 13.20
N VAL B 129 3.29 -8.90 13.56
CA VAL B 129 3.53 -10.19 12.91
C VAL B 129 2.23 -10.62 12.26
N GLY B 130 2.22 -10.61 10.94
CA GLY B 130 1.02 -10.97 10.20
C GLY B 130 0.82 -12.47 10.17
N PRO B 131 -0.39 -12.93 10.54
CA PRO B 131 -0.64 -14.36 10.61
C PRO B 131 -1.22 -14.94 9.32
N SER B 132 -1.57 -14.09 8.37
CA SER B 132 -2.34 -14.53 7.21
C SER B 132 -2.32 -13.53 6.08
N ASN B 133 -1.32 -12.66 6.06
CA ASN B 133 -1.30 -11.62 5.05
C ASN B 133 -0.33 -12.02 3.96
N THR B 134 -0.86 -12.50 2.85
CA THR B 134 -0.03 -13.17 1.86
C THR B 134 0.15 -12.38 0.57
N ALA B 135 -0.41 -11.17 0.50
CA ALA B 135 -0.20 -10.33 -0.68
C ALA B 135 1.25 -9.90 -0.84
N LYS B 136 1.67 -9.70 -2.09
CA LYS B 136 2.96 -9.09 -2.36
C LYS B 136 3.05 -7.74 -1.66
N GLY B 137 4.19 -7.49 -1.01
CA GLY B 137 4.45 -6.17 -0.45
C GLY B 137 4.25 -5.99 1.04
N ILE B 138 3.78 -7.03 1.74
CA ILE B 138 3.52 -6.89 3.16
C ILE B 138 4.78 -6.61 4.01
N PRO B 139 5.83 -7.45 3.90
CA PRO B 139 7.01 -7.15 4.73
C PRO B 139 7.67 -5.83 4.37
N GLU B 140 7.51 -5.42 3.11
CA GLU B 140 8.06 -4.17 2.61
C GLU B 140 7.39 -2.93 3.21
N ILE B 141 6.29 -3.11 3.94
CA ILE B 141 5.65 -1.98 4.59
C ILE B 141 6.60 -1.28 5.55
N GLY B 142 7.48 -2.04 6.20
CA GLY B 142 8.47 -1.40 7.05
C GLY B 142 9.26 -2.37 7.90
N ASP B 143 10.15 -1.79 8.70
CA ASP B 143 11.08 -2.53 9.54
C ASP B 143 10.45 -3.23 10.73
N TYR B 144 9.20 -2.89 11.02
CA TYR B 144 8.45 -3.47 12.13
C TYR B 144 7.38 -4.45 11.67
N VAL B 145 7.32 -4.72 10.37
CA VAL B 145 6.31 -5.61 9.80
C VAL B 145 6.94 -6.91 9.30
N ALA B 146 6.58 -8.01 9.95
CA ALA B 146 6.99 -9.35 9.53
C ALA B 146 5.73 -10.18 9.32
N ARG B 147 5.87 -11.34 8.72
CA ARG B 147 4.73 -12.25 8.59
C ARG B 147 5.21 -13.69 8.72
N VAL B 148 4.34 -14.54 9.28
CA VAL B 148 4.61 -15.97 9.31
C VAL B 148 3.86 -16.71 8.22
N SER B 149 3.05 -15.98 7.44
CA SER B 149 2.21 -16.57 6.40
C SER B 149 2.91 -16.46 5.05
N ALA B 150 3.31 -17.61 4.51
CA ALA B 150 3.99 -17.65 3.22
C ALA B 150 3.16 -16.97 2.14
N PRO B 151 3.81 -16.20 1.24
CA PRO B 151 3.04 -15.38 0.31
C PRO B 151 2.47 -16.11 -0.89
N VAL B 152 1.59 -15.41 -1.60
CA VAL B 152 0.90 -15.99 -2.75
C VAL B 152 1.87 -16.54 -3.80
N SER B 153 3.01 -15.90 -3.98
CA SER B 153 3.95 -16.33 -5.02
C SER B 153 4.50 -17.73 -4.75
N VAL B 154 4.55 -18.11 -3.48
CA VAL B 154 5.05 -19.41 -3.08
C VAL B 154 3.92 -20.44 -2.94
N VAL B 155 2.77 -20.01 -2.42
CA VAL B 155 1.70 -20.94 -2.10
C VAL B 155 0.84 -21.30 -3.31
N ALA B 156 0.36 -20.30 -4.03
CA ALA B 156 -0.63 -20.50 -5.08
C ALA B 156 -0.24 -21.47 -6.22
N PRO B 157 1.03 -21.42 -6.71
CA PRO B 157 1.31 -22.33 -7.83
C PRO B 157 1.11 -23.80 -7.50
N ASN B 158 1.22 -24.16 -6.23
CA ASN B 158 1.07 -25.56 -5.81
C ASN B 158 -0.26 -26.16 -6.23
N SER B 159 -1.34 -25.39 -6.12
CA SER B 159 -2.64 -25.97 -6.44
C SER B 159 -2.83 -26.12 -7.96
N VAL B 160 -2.25 -25.23 -8.76
CA VAL B 160 -2.29 -25.39 -10.21
C VAL B 160 -1.58 -26.68 -10.59
N LYS B 161 -0.38 -26.88 -10.03
CA LYS B 161 0.40 -28.06 -10.33
C LYS B 161 -0.34 -29.32 -9.90
N ALA B 162 -1.00 -29.27 -8.75
CA ALA B 162 -1.77 -30.42 -8.26
C ALA B 162 -2.96 -30.74 -9.16
N ALA B 163 -3.63 -29.71 -9.65
CA ALA B 163 -4.76 -29.91 -10.57
C ALA B 163 -4.33 -30.62 -11.85
N LEU B 164 -3.18 -30.21 -12.39
CA LEU B 164 -2.65 -30.81 -13.60
CA LEU B 164 -2.64 -30.81 -13.59
C LEU B 164 -2.22 -32.25 -13.37
N LYS B 165 -1.65 -32.52 -12.20
CA LYS B 165 -1.23 -33.88 -11.85
C LYS B 165 -2.47 -34.77 -11.77
N GLN B 166 -3.54 -34.24 -11.19
CA GLN B 166 -4.80 -34.98 -11.08
C GLN B 166 -5.47 -35.22 -12.44
N ASN B 167 -5.46 -34.20 -13.29
CA ASN B 167 -6.04 -34.31 -14.62
C ASN B 167 -5.15 -33.70 -15.69
N PRO B 168 -4.30 -34.52 -16.29
CA PRO B 168 -3.38 -34.03 -17.33
C PRO B 168 -4.08 -33.51 -18.57
N ASN B 169 -5.38 -33.78 -18.71
CA ASN B 169 -6.13 -33.27 -19.86
C ASN B 169 -6.50 -31.79 -19.75
N ILE B 170 -6.23 -31.18 -18.60
CA ILE B 170 -6.53 -29.76 -18.43
C ILE B 170 -5.72 -28.92 -19.41
N LYS B 171 -6.42 -28.12 -20.21
CA LYS B 171 -5.79 -27.21 -21.16
C LYS B 171 -6.31 -25.78 -21.04
N LYS B 172 -7.60 -25.65 -20.75
CA LYS B 172 -8.23 -24.33 -20.72
C LYS B 172 -8.60 -23.91 -19.30
N VAL B 173 -8.18 -22.70 -18.91
CA VAL B 173 -8.40 -22.22 -17.55
C VAL B 173 -9.15 -20.89 -17.53
N ALA B 174 -10.20 -20.81 -16.72
CA ALA B 174 -10.92 -19.57 -16.48
C ALA B 174 -10.57 -19.10 -15.08
N VAL B 175 -10.28 -17.82 -14.94
CA VAL B 175 -9.84 -17.24 -13.66
C VAL B 175 -10.82 -16.15 -13.21
N PHE B 176 -11.16 -16.17 -11.91
CA PHE B 176 -12.05 -15.19 -11.28
C PHE B 176 -11.31 -14.53 -10.12
N PHE B 177 -11.52 -13.23 -9.92
CA PHE B 177 -10.92 -12.57 -8.75
C PHE B 177 -11.75 -11.41 -8.24
N ALA B 178 -11.61 -11.17 -6.94
CA ALA B 178 -12.29 -10.07 -6.25
C ALA B 178 -11.47 -8.79 -6.42
N GLN B 179 -11.94 -7.91 -7.27
CA GLN B 179 -11.15 -6.74 -7.64
CA GLN B 179 -11.23 -6.70 -7.68
C GLN B 179 -11.06 -5.68 -6.54
N ASN B 180 -11.88 -5.78 -5.50
CA ASN B 180 -11.82 -4.82 -4.41
C ASN B 180 -10.87 -5.22 -3.28
N ASP B 181 -10.29 -6.41 -3.36
CA ASP B 181 -9.48 -6.96 -2.26
C ASP B 181 -8.01 -7.11 -2.65
N ALA B 182 -7.12 -6.52 -1.85
CA ALA B 182 -5.71 -6.45 -2.22
C ALA B 182 -5.09 -7.83 -2.39
N PHE B 183 -5.36 -8.72 -1.46
CA PHE B 183 -4.84 -10.07 -1.54
C PHE B 183 -5.35 -10.81 -2.78
N SER B 184 -6.65 -10.67 -3.07
CA SER B 184 -7.21 -11.40 -4.19
C SER B 184 -6.58 -10.96 -5.51
N LYS B 185 -6.31 -9.66 -5.63
CA LYS B 185 -5.63 -9.15 -6.81
C LYS B 185 -4.19 -9.64 -6.89
N SER B 186 -3.51 -9.73 -5.76
CA SER B 186 -2.14 -10.20 -5.74
C SER B 186 -2.12 -11.70 -6.09
N GLU B 187 -3.04 -12.45 -5.50
CA GLU B 187 -3.10 -13.89 -5.72
C GLU B 187 -3.45 -14.20 -7.16
N THR B 188 -4.39 -13.48 -7.74
CA THR B 188 -4.81 -13.79 -9.10
C THR B 188 -3.67 -13.55 -10.10
N GLU B 189 -2.81 -12.58 -9.81
CA GLU B 189 -1.70 -12.34 -10.70
CA GLU B 189 -1.67 -12.32 -10.67
C GLU B 189 -0.77 -13.55 -10.74
N ILE B 190 -0.55 -14.17 -9.58
CA ILE B 190 0.25 -15.38 -9.51
C ILE B 190 -0.46 -16.55 -10.21
N PHE B 191 -1.74 -16.72 -9.98
CA PHE B 191 -2.46 -17.81 -10.64
C PHE B 191 -2.41 -17.65 -12.15
N GLN B 192 -2.67 -16.44 -12.63
CA GLN B 192 -2.66 -16.18 -14.07
C GLN B 192 -1.28 -16.44 -14.66
N GLN B 193 -0.23 -15.95 -14.00
CA GLN B 193 1.12 -16.15 -14.52
C GLN B 193 1.50 -17.62 -14.49
N THR B 194 1.03 -18.35 -13.47
CA THR B 194 1.31 -19.77 -13.37
C THR B 194 0.64 -20.53 -14.53
N VAL B 195 -0.62 -20.21 -14.79
CA VAL B 195 -1.35 -20.79 -15.92
C VAL B 195 -0.58 -20.57 -17.22
N LYS B 196 -0.14 -19.34 -17.45
CA LYS B 196 0.63 -19.03 -18.66
C LYS B 196 1.96 -19.76 -18.67
N ASP B 197 2.68 -19.71 -17.56
CA ASP B 197 4.00 -20.32 -17.51
C ASP B 197 3.96 -21.81 -17.73
N GLN B 198 2.89 -22.45 -17.28
CA GLN B 198 2.71 -23.88 -17.45
C GLN B 198 2.47 -24.24 -18.91
N GLY B 199 2.00 -23.27 -19.68
CA GLY B 199 1.64 -23.48 -21.07
C GLY B 199 0.17 -23.77 -21.29
N LEU B 200 -0.68 -23.36 -20.36
CA LEU B 200 -2.12 -23.53 -20.49
C LEU B 200 -2.77 -22.30 -21.12
N GLU B 201 -4.02 -22.44 -21.54
CA GLU B 201 -4.75 -21.31 -22.09
CA GLU B 201 -4.78 -21.33 -22.10
C GLU B 201 -5.53 -20.57 -21.02
N LEU B 202 -5.37 -19.25 -21.01
CA LEU B 202 -6.12 -18.39 -20.10
C LEU B 202 -7.34 -17.92 -20.87
N VAL B 203 -8.44 -18.66 -20.76
CA VAL B 203 -9.56 -18.41 -21.66
C VAL B 203 -10.37 -17.18 -21.26
N THR B 204 -10.37 -16.82 -19.98
CA THR B 204 -11.00 -15.59 -19.54
C THR B 204 -10.53 -15.22 -18.15
N VAL B 205 -10.62 -13.93 -17.85
CA VAL B 205 -10.43 -13.40 -16.51
C VAL B 205 -11.68 -12.61 -16.15
N GLN B 206 -12.38 -13.05 -15.11
CA GLN B 206 -13.63 -12.45 -14.68
C GLN B 206 -13.44 -11.78 -13.32
N LYS B 207 -13.99 -10.58 -13.17
CA LYS B 207 -13.90 -9.84 -11.91
CA LYS B 207 -13.90 -9.87 -11.90
C LYS B 207 -15.23 -9.87 -11.15
N PHE B 208 -15.15 -9.80 -9.84
CA PHE B 208 -16.31 -9.64 -8.97
C PHE B 208 -15.86 -8.82 -7.75
N GLN B 209 -16.80 -8.52 -6.87
CA GLN B 209 -16.51 -7.84 -5.60
C GLN B 209 -16.82 -8.80 -4.45
N THR B 210 -16.07 -8.69 -3.35
CA THR B 210 -16.32 -9.56 -2.20
C THR B 210 -17.73 -9.38 -1.63
N THR B 211 -18.36 -8.25 -1.90
CA THR B 211 -19.70 -7.96 -1.41
C THR B 211 -20.81 -8.49 -2.33
N ASP B 212 -20.45 -8.94 -3.52
CA ASP B 212 -21.46 -9.43 -4.46
C ASP B 212 -22.12 -10.70 -3.96
N THR B 213 -23.38 -10.89 -4.34
CA THR B 213 -24.09 -12.14 -4.08
C THR B 213 -24.55 -12.85 -5.37
N ASP B 214 -24.55 -12.15 -6.49
CA ASP B 214 -24.96 -12.69 -7.78
C ASP B 214 -23.75 -12.76 -8.70
N PHE B 215 -23.39 -13.97 -9.14
CA PHE B 215 -22.25 -14.18 -10.03
C PHE B 215 -22.68 -14.79 -11.35
N GLN B 216 -23.97 -14.71 -11.67
CA GLN B 216 -24.50 -15.41 -12.84
C GLN B 216 -23.81 -15.04 -14.15
N SER B 217 -23.62 -13.75 -14.37
CA SER B 217 -23.09 -13.33 -15.67
C SER B 217 -21.64 -13.79 -15.84
N GLN B 218 -20.81 -13.61 -14.81
CA GLN B 218 -19.42 -14.04 -14.90
C GLN B 218 -19.31 -15.57 -15.02
N ALA B 219 -20.12 -16.29 -14.27
CA ALA B 219 -20.09 -17.75 -14.32
C ALA B 219 -20.47 -18.25 -15.71
N THR B 220 -21.53 -17.68 -16.27
CA THR B 220 -21.97 -18.05 -17.60
C THR B 220 -20.92 -17.70 -18.66
N ASN B 221 -20.31 -16.53 -18.55
CA ASN B 221 -19.21 -16.14 -19.45
C ASN B 221 -18.12 -17.20 -19.50
N ALA B 222 -17.72 -17.65 -18.33
CA ALA B 222 -16.67 -18.67 -18.25
C ALA B 222 -17.16 -20.02 -18.76
N ILE B 223 -18.33 -20.44 -18.32
CA ILE B 223 -18.86 -21.74 -18.70
C ILE B 223 -18.96 -21.91 -20.22
N ASN B 224 -19.34 -20.84 -20.91
CA ASN B 224 -19.49 -20.93 -22.35
C ASN B 224 -18.18 -21.11 -23.11
N LEU B 225 -17.06 -20.87 -22.44
CA LEU B 225 -15.74 -21.12 -23.02
C LEU B 225 -15.26 -22.55 -22.76
N LYS B 226 -16.08 -23.33 -22.07
CA LYS B 226 -15.76 -24.74 -21.77
C LYS B 226 -14.38 -24.95 -21.13
N PRO B 227 -14.12 -24.25 -20.01
CA PRO B 227 -12.82 -24.46 -19.37
C PRO B 227 -12.71 -25.85 -18.74
N ASP B 228 -11.48 -26.33 -18.61
CA ASP B 228 -11.19 -27.56 -17.89
C ASP B 228 -10.92 -27.30 -16.40
N LEU B 229 -10.56 -26.05 -16.10
CA LEU B 229 -10.18 -25.65 -14.75
C LEU B 229 -10.68 -24.24 -14.51
N VAL B 230 -11.23 -23.99 -13.32
CA VAL B 230 -11.61 -22.66 -12.88
C VAL B 230 -10.82 -22.35 -11.62
N ILE B 231 -10.27 -21.14 -11.53
CA ILE B 231 -9.50 -20.70 -10.37
C ILE B 231 -10.21 -19.48 -9.79
N ILE B 232 -10.43 -19.48 -8.47
CA ILE B 232 -11.13 -18.39 -7.80
C ILE B 232 -10.27 -17.77 -6.70
N SER B 233 -10.01 -16.46 -6.82
CA SER B 233 -9.39 -15.68 -5.74
C SER B 233 -10.39 -14.70 -5.16
N GLY B 234 -10.97 -15.06 -4.02
CA GLY B 234 -11.82 -14.15 -3.27
C GLY B 234 -11.68 -14.50 -1.81
N LEU B 235 -12.66 -14.08 -1.02
CA LEU B 235 -12.72 -14.49 0.38
C LEU B 235 -13.75 -15.63 0.53
N ALA B 236 -14.20 -15.92 1.75
CA ALA B 236 -14.87 -17.19 1.99
C ALA B 236 -16.34 -17.19 1.57
N ALA B 237 -17.10 -16.20 2.03
CA ALA B 237 -18.53 -16.15 1.69
C ALA B 237 -18.72 -15.95 0.18
N ASP B 238 -17.97 -15.00 -0.37
CA ASP B 238 -18.04 -14.72 -1.79
C ASP B 238 -17.50 -15.88 -2.61
N GLY B 239 -16.33 -16.39 -2.25
CA GLY B 239 -15.74 -17.48 -3.01
C GLY B 239 -16.60 -18.73 -2.98
N GLY B 240 -17.11 -19.06 -1.79
CA GLY B 240 -17.96 -20.23 -1.69
C GLY B 240 -19.24 -20.11 -2.50
N ASN B 241 -19.82 -18.92 -2.53
CA ASN B 241 -21.04 -18.71 -3.30
C ASN B 241 -20.78 -18.74 -4.81
N LEU B 242 -19.59 -18.29 -5.22
CA LEU B 242 -19.23 -18.39 -6.62
C LEU B 242 -19.04 -19.87 -7.02
N VAL B 243 -18.37 -20.65 -6.19
CA VAL B 243 -18.30 -22.10 -6.42
C VAL B 243 -19.70 -22.70 -6.59
N ARG B 244 -20.58 -22.37 -5.66
CA ARG B 244 -21.95 -22.87 -5.68
C ARG B 244 -22.64 -22.51 -7.00
N GLN B 245 -22.55 -21.25 -7.40
CA GLN B 245 -23.26 -20.80 -8.58
C GLN B 245 -22.69 -21.38 -9.88
N LEU B 246 -21.37 -21.55 -9.94
CA LEU B 246 -20.75 -22.24 -11.07
C LEU B 246 -21.29 -23.66 -11.23
N ARG B 247 -21.30 -24.41 -10.12
CA ARG B 247 -21.80 -25.77 -10.16
C ARG B 247 -23.29 -25.81 -10.51
N GLU B 248 -24.08 -24.91 -9.94
CA GLU B 248 -25.52 -24.84 -10.23
C GLU B 248 -25.77 -24.59 -11.71
N LEU B 249 -24.88 -23.85 -12.36
CA LEU B 249 -25.01 -23.55 -13.78
C LEU B 249 -24.42 -24.63 -14.67
N GLY B 250 -23.95 -25.73 -14.06
CA GLY B 250 -23.59 -26.91 -14.83
C GLY B 250 -22.10 -27.11 -15.08
N TYR B 251 -21.25 -26.27 -14.49
CA TYR B 251 -19.82 -26.45 -14.66
C TYR B 251 -19.38 -27.73 -13.94
N GLN B 252 -18.71 -28.63 -14.66
CA GLN B 252 -18.33 -29.92 -14.11
C GLN B 252 -16.82 -30.14 -14.01
N GLY B 253 -16.04 -29.13 -14.38
CA GLY B 253 -14.60 -29.26 -14.39
C GLY B 253 -13.97 -29.05 -13.03
N ALA B 254 -12.64 -28.99 -13.02
CA ALA B 254 -11.91 -28.80 -11.78
C ALA B 254 -12.03 -27.37 -11.27
N ILE B 255 -11.92 -27.20 -9.96
CA ILE B 255 -11.91 -25.88 -9.35
C ILE B 255 -10.78 -25.79 -8.34
N ILE B 256 -10.02 -24.69 -8.42
CA ILE B 256 -9.07 -24.30 -7.39
C ILE B 256 -9.63 -23.09 -6.65
N GLY B 257 -9.59 -23.13 -5.32
CA GLY B 257 -9.83 -21.95 -4.51
C GLY B 257 -8.52 -21.44 -3.95
N GLY B 258 -8.37 -20.12 -3.92
CA GLY B 258 -7.24 -19.49 -3.27
C GLY B 258 -7.38 -19.49 -1.75
N ASP B 259 -6.47 -18.79 -1.09
CA ASP B 259 -6.36 -18.80 0.36
C ASP B 259 -7.64 -18.31 1.04
N GLY B 260 -8.38 -17.44 0.37
CA GLY B 260 -9.59 -16.89 0.93
C GLY B 260 -10.72 -17.89 1.10
N LEU B 261 -10.62 -19.01 0.39
CA LEU B 261 -11.61 -20.09 0.53
C LEU B 261 -11.11 -21.18 1.49
N ASN B 262 -9.93 -20.98 2.06
CA ASN B 262 -9.28 -22.03 2.84
C ASN B 262 -9.77 -22.10 4.28
N THR B 263 -11.05 -22.39 4.43
CA THR B 263 -11.65 -22.59 5.74
C THR B 263 -12.80 -23.56 5.62
N SER B 264 -12.97 -24.44 6.60
CA SER B 264 -14.12 -25.33 6.61
C SER B 264 -15.42 -24.54 6.71
N ASN B 265 -15.36 -23.27 7.07
CA ASN B 265 -16.56 -22.45 7.01
C ASN B 265 -17.14 -22.34 5.60
N VAL B 266 -16.31 -22.55 4.59
CA VAL B 266 -16.81 -22.53 3.23
C VAL B 266 -17.75 -23.72 2.95
N PHE B 267 -17.60 -24.81 3.72
CA PHE B 267 -18.44 -25.99 3.51
C PHE B 267 -19.92 -25.64 3.71
N ALA B 268 -20.17 -24.71 4.61
CA ALA B 268 -21.53 -24.29 4.92
C ALA B 268 -22.10 -23.34 3.86
N VAL B 269 -21.26 -22.92 2.92
CA VAL B 269 -21.69 -22.03 1.85
C VAL B 269 -22.00 -22.83 0.59
N CYS B 270 -21.02 -23.57 0.08
CA CYS B 270 -21.26 -24.36 -1.12
C CYS B 270 -21.83 -25.76 -0.89
N LYS B 271 -21.89 -26.20 0.36
CA LYS B 271 -22.52 -27.50 0.69
C LYS B 271 -21.89 -28.63 -0.12
N ALA B 272 -22.67 -29.59 -0.63
CA ALA B 272 -22.06 -30.67 -1.40
C ALA B 272 -21.34 -30.16 -2.64
N LEU B 273 -21.72 -28.98 -3.12
CA LEU B 273 -21.12 -28.41 -4.31
C LEU B 273 -19.68 -27.90 -4.08
N CYS B 274 -19.22 -27.92 -2.82
CA CYS B 274 -17.81 -27.67 -2.53
C CYS B 274 -16.91 -28.84 -2.93
N ASP B 275 -17.52 -30.01 -3.14
CA ASP B 275 -16.73 -31.22 -3.27
C ASP B 275 -15.73 -31.13 -4.41
N GLY B 276 -14.48 -31.47 -4.12
CA GLY B 276 -13.45 -31.53 -5.14
C GLY B 276 -12.60 -30.29 -5.29
N VAL B 277 -13.00 -29.17 -4.67
CA VAL B 277 -12.21 -27.95 -4.76
C VAL B 277 -10.82 -28.18 -4.18
N LEU B 278 -9.80 -27.76 -4.93
CA LEU B 278 -8.39 -27.88 -4.53
C LEU B 278 -7.91 -26.56 -3.94
N ILE B 279 -7.27 -26.62 -2.78
CA ILE B 279 -6.78 -25.41 -2.12
C ILE B 279 -5.37 -25.69 -1.58
N ALA B 280 -4.41 -24.87 -2.01
CA ALA B 280 -3.04 -24.98 -1.52
C ALA B 280 -2.97 -24.67 -0.03
N GLN B 281 -1.98 -25.27 0.64
CA GLN B 281 -1.85 -25.18 2.08
C GLN B 281 -0.43 -24.88 2.49
N ALA B 282 -0.29 -24.05 3.53
CA ALA B 282 1.00 -23.72 4.12
C ALA B 282 1.17 -24.40 5.47
N TYR B 283 0.40 -25.45 5.70
CA TYR B 283 0.35 -26.18 6.97
C TYR B 283 -0.24 -27.57 6.72
N SER B 284 0.26 -28.58 7.44
CA SER B 284 -0.40 -29.89 7.45
C SER B 284 -0.59 -30.42 8.87
N PRO B 285 -1.82 -30.84 9.21
CA PRO B 285 -2.06 -31.43 10.54
C PRO B 285 -1.15 -32.64 10.81
N GLU B 286 -0.74 -33.33 9.75
CA GLU B 286 0.05 -34.55 9.89
C GLU B 286 1.55 -34.31 10.01
N TYR B 287 1.98 -33.06 9.87
CA TYR B 287 3.40 -32.75 10.04
C TYR B 287 3.85 -33.17 11.43
N THR B 288 4.97 -33.89 11.50
CA THR B 288 5.35 -34.61 12.72
C THR B 288 6.17 -33.82 13.74
N GLY B 289 6.37 -32.53 13.51
CA GLY B 289 7.08 -31.70 14.46
C GLY B 289 6.44 -31.79 15.84
N GLU B 290 7.28 -31.85 16.87
CA GLU B 290 6.82 -32.00 18.25
CA GLU B 290 6.77 -32.03 18.23
C GLU B 290 5.74 -30.98 18.64
N ILE B 291 5.98 -29.72 18.33
CA ILE B 291 5.00 -28.72 18.71
C ILE B 291 3.72 -28.81 17.89
N ASN B 292 3.82 -29.29 16.65
CA ASN B 292 2.60 -29.51 15.88
C ASN B 292 1.77 -30.62 16.50
N LYS B 293 2.42 -31.66 16.99
CA LYS B 293 1.71 -32.75 17.65
C LYS B 293 0.93 -32.23 18.85
N ALA B 294 1.57 -31.36 19.63
CA ALA B 294 0.95 -30.76 20.81
C ALA B 294 -0.17 -29.80 20.42
N PHE B 295 0.08 -28.96 19.42
CA PHE B 295 -0.92 -28.03 18.93
C PHE B 295 -2.12 -28.76 18.36
N ARG B 296 -1.86 -29.78 17.54
CA ARG B 296 -2.92 -30.58 16.93
C ARG B 296 -3.79 -31.24 17.99
N GLN B 297 -3.16 -31.85 18.99
CA GLN B 297 -3.91 -32.53 20.03
C GLN B 297 -4.79 -31.54 20.79
N ALA B 298 -4.25 -30.38 21.11
CA ALA B 298 -5.03 -29.35 21.79
C ALA B 298 -6.23 -28.91 20.96
N TYR B 299 -5.99 -28.70 19.66
CA TYR B 299 -7.05 -28.26 18.76
C TYR B 299 -8.14 -29.32 18.62
N VAL B 300 -7.72 -30.55 18.34
CA VAL B 300 -8.68 -31.64 18.12
C VAL B 300 -9.51 -31.91 19.38
N ASP B 301 -8.87 -31.86 20.54
CA ASP B 301 -9.56 -32.10 21.81
C ASP B 301 -10.73 -31.12 22.00
N GLN B 302 -10.55 -29.88 21.57
CA GLN B 302 -11.55 -28.86 21.81
C GLN B 302 -12.59 -28.75 20.69
N TYR B 303 -12.13 -28.82 19.44
CA TYR B 303 -12.99 -28.53 18.31
C TYR B 303 -13.46 -29.75 17.54
N LYS B 304 -12.91 -30.91 17.89
CA LYS B 304 -13.32 -32.20 17.31
C LYS B 304 -13.11 -32.27 15.80
N LYS B 305 -12.27 -31.37 15.29
CA LYS B 305 -11.89 -31.36 13.88
C LYS B 305 -10.39 -31.08 13.79
N GLU B 306 -9.78 -31.38 12.66
CA GLU B 306 -8.36 -31.11 12.47
C GLU B 306 -8.06 -29.60 12.45
N PRO B 307 -6.89 -29.20 12.97
CA PRO B 307 -6.54 -27.78 12.96
C PRO B 307 -6.41 -27.23 11.54
N PRO B 308 -7.08 -26.11 11.27
CA PRO B 308 -6.97 -25.43 9.98
C PRO B 308 -5.67 -24.65 9.85
N GLN B 309 -5.23 -24.42 8.61
CA GLN B 309 -4.07 -23.58 8.34
C GLN B 309 -4.10 -22.26 9.11
N PHE B 310 -5.23 -21.55 9.08
CA PHE B 310 -5.24 -20.23 9.70
C PHE B 310 -5.07 -20.30 11.21
N SER B 311 -5.55 -21.37 11.83
CA SER B 311 -5.33 -21.56 13.27
C SER B 311 -3.86 -21.82 13.57
N ALA B 312 -3.22 -22.65 12.75
CA ALA B 312 -1.80 -22.97 12.90
C ALA B 312 -0.93 -21.74 12.71
N GLN B 313 -1.28 -20.92 11.73
CA GLN B 313 -0.52 -19.72 11.44
C GLN B 313 -0.65 -18.69 12.58
N ALA B 314 -1.86 -18.55 13.12
CA ALA B 314 -2.04 -17.67 14.27
C ALA B 314 -1.25 -18.16 15.50
N PHE B 315 -1.27 -19.47 15.73
CA PHE B 315 -0.46 -20.05 16.81
C PHE B 315 1.02 -19.71 16.58
N ALA B 316 1.48 -19.90 15.35
CA ALA B 316 2.89 -19.63 15.03
C ALA B 316 3.27 -18.17 15.29
N ALA B 317 2.36 -17.25 14.99
CA ALA B 317 2.62 -15.83 15.24
C ALA B 317 2.79 -15.56 16.73
N VAL B 318 1.90 -16.13 17.55
CA VAL B 318 2.05 -15.98 18.99
C VAL B 318 3.35 -16.63 19.48
N GLN B 319 3.65 -17.81 18.96
CA GLN B 319 4.90 -18.50 19.27
C GLN B 319 6.13 -17.64 19.01
N VAL B 320 6.15 -16.97 17.85
CA VAL B 320 7.25 -16.10 17.53
C VAL B 320 7.43 -15.02 18.61
N TYR B 321 6.33 -14.41 19.04
CA TYR B 321 6.43 -13.43 20.12
C TYR B 321 6.89 -14.05 21.44
N VAL B 322 6.33 -15.20 21.82
CA VAL B 322 6.72 -15.80 23.10
C VAL B 322 8.20 -16.18 23.11
N GLU B 323 8.64 -16.85 22.06
CA GLU B 323 10.02 -17.31 22.02
C GLU B 323 11.01 -16.14 21.88
N SER B 324 10.63 -15.10 21.15
CA SER B 324 11.46 -13.91 21.07
CA SER B 324 11.49 -13.94 21.05
C SER B 324 11.53 -13.16 22.39
N LEU B 325 10.39 -13.08 23.07
CA LEU B 325 10.38 -12.47 24.39
C LEU B 325 11.28 -13.25 25.35
N LYS B 326 11.23 -14.58 25.29
CA LYS B 326 12.10 -15.40 26.13
C LYS B 326 13.57 -15.16 25.82
N ALA B 327 13.90 -15.09 24.54
CA ALA B 327 15.28 -14.88 24.11
C ALA B 327 15.79 -13.51 24.53
N LEU B 328 14.97 -12.50 24.32
CA LEU B 328 15.30 -11.14 24.74
C LEU B 328 15.49 -11.08 26.26
N ASP B 329 14.53 -11.66 26.98
CA ASP B 329 14.52 -11.62 28.44
C ASP B 329 15.77 -12.29 29.03
N THR B 330 16.21 -13.37 28.39
CA THR B 330 17.41 -14.07 28.80
C THR B 330 18.64 -13.15 28.76
N LYS B 331 18.71 -12.33 27.72
CA LYS B 331 19.85 -11.45 27.49
C LYS B 331 19.75 -10.18 28.30
N ASN B 332 18.55 -9.63 28.40
CA ASN B 332 18.27 -8.42 29.14
C ASN B 332 16.84 -8.49 29.65
N LYS B 333 16.70 -8.61 30.97
CA LYS B 333 15.41 -8.77 31.62
CA LYS B 333 15.40 -8.78 31.60
C LYS B 333 14.41 -7.72 31.15
N VAL B 334 13.29 -8.18 30.59
CA VAL B 334 12.32 -7.26 30.02
C VAL B 334 11.61 -6.40 31.07
N SER B 335 11.66 -6.83 32.33
CA SER B 335 11.06 -6.05 33.41
C SER B 335 11.84 -4.76 33.67
N LYS B 336 13.07 -4.71 33.17
CA LYS B 336 13.93 -3.54 33.38
C LYS B 336 13.78 -2.53 32.24
N ILE B 337 13.04 -2.92 31.20
CA ILE B 337 12.96 -2.15 29.96
C ILE B 337 11.66 -1.36 29.85
N GLN B 338 11.75 -0.06 29.54
CA GLN B 338 10.55 0.73 29.26
C GLN B 338 9.90 0.28 27.95
N LEU B 339 8.59 0.53 27.83
CA LEU B 339 7.82 0.01 26.70
C LEU B 339 8.36 0.37 25.30
N PRO B 340 8.73 1.64 25.05
CA PRO B 340 9.19 1.93 23.69
C PRO B 340 10.45 1.14 23.32
N GLU B 341 11.38 1.02 24.26
CA GLU B 341 12.58 0.23 24.01
C GLU B 341 12.28 -1.26 23.92
N LEU B 342 11.35 -1.74 24.74
CA LEU B 342 10.98 -3.15 24.70
C LEU B 342 10.42 -3.51 23.32
N ARG B 343 9.54 -2.66 22.79
CA ARG B 343 8.99 -2.88 21.46
C ARG B 343 10.08 -2.95 20.39
N THR B 344 11.01 -2.01 20.42
CA THR B 344 12.07 -1.98 19.43
C THR B 344 13.01 -3.19 19.57
N GLU B 345 13.37 -3.52 20.80
CA GLU B 345 14.24 -4.69 21.02
C GLU B 345 13.54 -6.00 20.68
N LEU B 346 12.23 -6.07 20.93
CA LEU B 346 11.47 -7.26 20.60
C LEU B 346 11.43 -7.47 19.09
N ASN B 347 11.17 -6.38 18.36
CA ASN B 347 11.17 -6.42 16.91
C ASN B 347 12.53 -6.90 16.37
N LYS B 348 13.60 -6.32 16.89
CA LYS B 348 14.94 -6.71 16.47
C LYS B 348 15.17 -8.20 16.75
N GLN B 349 14.80 -8.63 17.94
CA GLN B 349 15.01 -10.03 18.33
C GLN B 349 14.23 -10.99 17.44
N LEU B 350 12.94 -10.70 17.21
CA LEU B 350 12.12 -11.69 16.54
C LEU B 350 12.62 -11.96 15.13
N LEU B 351 13.16 -10.94 14.47
CA LEU B 351 13.67 -11.11 13.11
C LEU B 351 14.86 -12.05 13.04
N THR B 352 15.57 -12.24 14.16
CA THR B 352 16.75 -13.08 14.19
C THR B 352 16.47 -14.53 14.56
N GLY B 353 15.24 -14.83 15.00
CA GLY B 353 14.96 -16.12 15.57
C GLY B 353 14.71 -17.24 14.58
N LYS B 354 14.91 -18.46 15.06
CA LYS B 354 14.54 -19.67 14.35
C LYS B 354 13.49 -20.36 15.21
N TYR B 355 12.40 -20.78 14.60
CA TYR B 355 11.25 -21.28 15.35
C TYR B 355 10.77 -22.61 14.79
N ASN B 356 10.62 -23.60 15.67
CA ASN B 356 10.01 -24.87 15.30
C ASN B 356 8.53 -24.79 15.62
N THR B 357 7.72 -24.50 14.60
CA THR B 357 6.32 -24.15 14.78
C THR B 357 5.41 -25.23 14.19
N PRO B 358 4.08 -25.09 14.35
CA PRO B 358 3.21 -26.05 13.66
C PRO B 358 3.39 -26.04 12.14
N LEU B 359 3.88 -24.93 11.59
CA LEU B 359 4.09 -24.77 10.15
C LEU B 359 5.38 -25.42 9.69
N GLY B 360 6.16 -25.94 10.63
CA GLY B 360 7.51 -26.39 10.34
C GLY B 360 8.53 -25.43 10.91
N GLU B 361 9.78 -25.67 10.57
CA GLU B 361 10.86 -24.78 10.98
C GLU B 361 10.83 -23.53 10.12
N ILE B 362 10.66 -22.39 10.76
CA ILE B 362 10.62 -21.13 10.03
C ILE B 362 11.58 -20.12 10.63
N SER B 363 11.85 -19.07 9.86
CA SER B 363 12.68 -17.96 10.30
C SER B 363 12.31 -16.79 9.41
N PHE B 364 13.04 -15.69 9.52
CA PHE B 364 12.75 -14.49 8.75
C PHE B 364 13.98 -14.03 8.00
N THR B 365 13.77 -13.39 6.87
CA THR B 365 14.83 -12.59 6.27
C THR B 365 14.80 -11.21 6.93
N PRO B 366 15.83 -10.39 6.71
CA PRO B 366 15.87 -9.10 7.43
C PRO B 366 14.67 -8.19 7.12
N ILE B 367 14.07 -8.32 5.94
CA ILE B 367 12.91 -7.50 5.58
C ILE B 367 11.61 -7.99 6.25
N GLY B 368 11.67 -9.15 6.91
CA GLY B 368 10.51 -9.67 7.61
C GLY B 368 9.70 -10.69 6.83
N GLU B 369 10.25 -11.18 5.73
CA GLU B 369 9.62 -12.25 4.97
C GLU B 369 9.85 -13.58 5.66
N VAL B 370 8.85 -14.46 5.62
CA VAL B 370 9.00 -15.77 6.23
C VAL B 370 9.83 -16.70 5.35
N VAL B 371 10.61 -17.55 6.01
CA VAL B 371 11.36 -18.62 5.37
C VAL B 371 10.68 -19.92 5.78
N GLN B 372 10.14 -20.64 4.81
CA GLN B 372 9.37 -21.86 5.05
C GLN B 372 9.52 -22.79 3.86
N LYS B 373 9.82 -24.05 4.12
CA LYS B 373 10.12 -24.99 3.05
C LYS B 373 8.93 -25.78 2.49
N ASP B 374 8.03 -26.23 3.36
CA ASP B 374 7.06 -27.24 2.94
C ASP B 374 5.66 -26.70 2.72
N PHE B 375 5.08 -27.11 1.60
CA PHE B 375 3.71 -26.73 1.23
C PHE B 375 2.96 -27.96 0.76
N TYR B 376 1.64 -27.86 0.72
CA TYR B 376 0.78 -29.00 0.43
C TYR B 376 -0.39 -28.52 -0.39
N VAL B 377 -1.20 -29.47 -0.86
CA VAL B 377 -2.49 -29.16 -1.45
C VAL B 377 -3.50 -30.10 -0.84
N ALA B 378 -4.66 -29.57 -0.48
CA ALA B 378 -5.76 -30.38 0.01
C ALA B 378 -6.97 -30.23 -0.88
N GLN B 379 -7.86 -31.20 -0.80
CA GLN B 379 -9.05 -31.22 -1.63
C GLN B 379 -10.26 -31.40 -0.74
N ILE B 380 -11.28 -30.58 -0.96
CA ILE B 380 -12.48 -30.67 -0.15
C ILE B 380 -13.21 -31.97 -0.47
N LYS B 381 -13.54 -32.73 0.57
CA LYS B 381 -14.35 -33.93 0.42
C LYS B 381 -15.62 -33.74 1.24
N MSE B 382 -16.75 -33.60 0.56
CA MSE B 382 -18.03 -33.39 1.23
C MSE B 382 -18.79 -34.69 1.41
O MSE B 382 -18.74 -35.58 0.56
CB MSE B 382 -18.92 -32.44 0.43
CG MSE B 382 -18.35 -31.04 0.26
SE MSE B 382 -18.04 -30.06 1.92
CE MSE B 382 -19.86 -30.09 2.63
N GLU B 383 -19.53 -34.79 2.50
CA GLU B 383 -20.53 -35.86 2.64
C GLU B 383 -21.60 -35.63 1.59
N LYS B 384 -22.24 -36.71 1.14
CA LYS B 384 -23.21 -36.63 0.04
C LYS B 384 -24.35 -35.64 0.30
N ASP B 385 -24.83 -35.59 1.55
CA ASP B 385 -25.92 -34.68 1.88
C ASP B 385 -25.46 -33.23 2.10
N GLY B 386 -24.16 -32.99 1.99
CA GLY B 386 -23.61 -31.65 2.08
C GLY B 386 -23.49 -31.07 3.48
N SER B 387 -23.79 -31.87 4.50
CA SER B 387 -23.90 -31.36 5.86
C SER B 387 -22.58 -31.31 6.61
N GLN B 388 -21.57 -31.99 6.09
CA GLN B 388 -20.26 -32.07 6.73
C GLN B 388 -19.22 -32.28 5.65
N GLY B 389 -17.99 -31.84 5.90
CA GLY B 389 -16.89 -32.10 4.99
C GLY B 389 -15.55 -32.07 5.68
N LYS B 390 -14.50 -32.32 4.91
CA LYS B 390 -13.15 -32.28 5.44
C LYS B 390 -12.18 -31.96 4.31
N PHE B 391 -11.00 -31.50 4.68
CA PHE B 391 -9.91 -31.31 3.73
C PHE B 391 -9.06 -32.58 3.70
N THR B 392 -8.95 -33.19 2.52
CA THR B 392 -8.10 -34.36 2.36
C THR B 392 -6.78 -33.91 1.74
N PHE B 393 -5.69 -34.17 2.43
CA PHE B 393 -4.38 -33.78 1.95
C PHE B 393 -3.88 -34.74 0.89
N LEU B 394 -3.46 -34.18 -0.24
CA LEU B 394 -2.90 -34.96 -1.32
C LEU B 394 -1.49 -35.41 -0.94
N LYS B 395 -1.14 -36.62 -1.36
CA LYS B 395 0.19 -37.15 -1.09
C LYS B 395 1.09 -36.87 -2.29
N LEU C . 5.67 13.01 -5.38
CA LEU C . 5.80 12.82 -3.93
C LEU C . 5.06 11.60 -3.47
O LEU C . 4.48 10.89 -4.31
CB LEU C . 5.26 14.02 -3.16
CG LEU C . 5.84 15.38 -3.53
CD1 LEU C . 5.15 16.45 -2.71
CD2 LEU C . 7.35 15.37 -3.30
OXT LEU C . 5.05 11.34 -2.25
MG MG D . -8.48 4.82 -9.32
CL CL E . 20.74 12.41 11.38
N LEU F . -4.22 -14.42 2.83
CA LEU F . -5.34 -13.48 2.85
C LEU F . -4.83 -12.06 2.73
O LEU F . -3.60 -11.87 2.55
CB LEU F . -6.14 -13.59 4.15
CG LEU F . -6.65 -14.98 4.50
CD1 LEU F . -7.35 -14.92 5.85
CD2 LEU F . -7.57 -15.49 3.42
OXT LEU F . -5.64 -11.12 2.82
MG MG G . 9.38 -5.81 7.27
CL CL H . -24.44 -9.11 -6.51
#